data_5L9P
#
_entry.id   5L9P
#
_cell.length_a   64.400
_cell.length_b   118.980
_cell.length_c   111.210
_cell.angle_alpha   90.00
_cell.angle_beta   90.00
_cell.angle_gamma   90.00
#
_symmetry.space_group_name_H-M   'P 21 21 2'
#
loop_
_entity.id
_entity.type
_entity.pdbx_description
1 polymer 'periplasmic binding protein'
2 non-polymer 'SULFATE ION'
3 water water
#
_entity_poly.entity_id   1
_entity_poly.type   'polypeptide(L)'
_entity_poly.pdbx_seq_one_letter_code
;MGSSHHHHHHSSGLVPRGSHMDVVIASSGGGWQEAQDKALWAPAAKALNITYTQDTFQNWAEARAQVESGSVTWDIIQIG
IADEPQAKAAGVLEKLDPDIVNKADFPPGSVTDSFVANSNYSTLIAWNKKTYGDNGPKSMADFFDVKKFPGKRALWNQPI
GMIEAAALALGTPRDKVYEFLSTEEGRKAAIAKLTELAPSVSVWWESGAQAAQLIKDGEVDMIITWGGRVQGAINDGANF
AYTFNDAQLGTDGYAIVKGAPHRDAAMRFLKEMSKAEYQKDLPNSFATAPANMKAYDLAKYTPEKMATMASAPENVAVQY
SVDPNFWAKHAKWASEAYDNVRLSRHHHHHH
;
_entity_poly.pdbx_strand_id   A,B
#
# COMPACT_ATOMS: atom_id res chain seq x y z
N SER A 4 -9.44 5.39 53.00
CA SER A 4 -9.24 6.83 52.86
C SER A 4 -10.13 7.60 53.87
N HIS A 5 -10.53 8.86 53.54
CA HIS A 5 -11.43 9.69 54.36
C HIS A 5 -12.46 10.47 53.52
N HIS A 6 -12.62 10.05 52.26
CA HIS A 6 -13.56 10.62 51.30
C HIS A 6 -14.09 9.51 50.38
N HIS A 7 -15.27 9.71 49.78
CA HIS A 7 -15.89 8.75 48.86
C HIS A 7 -15.06 8.57 47.60
N HIS A 8 -14.83 7.30 47.22
CA HIS A 8 -14.10 6.97 46.00
C HIS A 8 -15.08 6.93 44.84
N HIS A 9 -16.37 6.58 45.14
CA HIS A 9 -17.46 6.47 44.17
C HIS A 9 -18.79 7.04 44.69
N HIS A 10 -19.70 7.37 43.75
CA HIS A 10 -21.03 7.92 43.97
C HIS A 10 -22.05 7.15 43.16
N SER A 11 -23.22 6.94 43.77
CA SER A 11 -24.34 6.20 43.23
C SER A 11 -25.01 6.85 42.02
N SER A 12 -24.63 6.42 40.82
CA SER A 12 -25.32 6.82 39.61
C SER A 12 -26.23 5.62 39.46
N GLY A 13 -27.53 5.87 39.58
CA GLY A 13 -28.54 4.82 39.49
C GLY A 13 -28.66 4.23 38.09
N LEU A 14 -27.54 4.24 37.34
CA LEU A 14 -27.40 3.76 35.97
C LEU A 14 -26.69 2.41 35.93
N VAL A 15 -27.16 1.53 35.04
CA VAL A 15 -26.56 0.22 34.79
C VAL A 15 -25.56 0.41 33.63
N PRO A 16 -24.24 0.21 33.88
CA PRO A 16 -23.24 0.42 32.83
C PRO A 16 -23.53 -0.39 31.58
N ARG A 17 -23.53 0.32 30.44
CA ARG A 17 -23.88 -0.14 29.09
C ARG A 17 -22.96 -1.21 28.48
N GLY A 18 -21.65 -0.98 28.57
CA GLY A 18 -20.64 -1.87 28.00
C GLY A 18 -20.33 -3.11 28.82
N SER A 19 -19.13 -3.66 28.59
CA SER A 19 -18.57 -4.82 29.26
C SER A 19 -17.25 -4.40 29.94
N HIS A 20 -16.77 -5.23 30.87
CA HIS A 20 -15.51 -5.02 31.58
C HIS A 20 -14.33 -5.60 30.78
N MET A 21 -14.60 -5.92 29.50
CA MET A 21 -13.68 -6.50 28.52
C MET A 21 -13.52 -5.54 27.35
N ASP A 22 -14.39 -4.49 27.30
CA ASP A 22 -14.38 -3.44 26.28
C ASP A 22 -13.15 -2.55 26.49
N VAL A 23 -12.28 -2.51 25.46
CA VAL A 23 -11.09 -1.65 25.41
C VAL A 23 -11.61 -0.21 25.21
N VAL A 24 -11.12 0.74 26.02
CA VAL A 24 -11.51 2.14 25.93
C VAL A 24 -10.49 2.90 25.10
N ILE A 25 -10.93 3.43 23.95
CA ILE A 25 -10.13 4.19 22.99
C ILE A 25 -10.64 5.64 22.89
N ALA A 26 -9.73 6.60 23.07
CA ALA A 26 -10.11 8.00 23.00
C ALA A 26 -9.34 8.79 21.93
N SER A 27 -10.02 9.79 21.31
CA SER A 27 -9.44 10.75 20.37
C SER A 27 -10.10 12.14 20.56
N SER A 28 -9.94 13.04 19.57
CA SER A 28 -10.44 14.43 19.61
C SER A 28 -11.95 14.60 19.35
N GLY A 29 -12.65 13.54 19.01
CA GLY A 29 -14.07 13.63 18.68
C GLY A 29 -14.26 14.12 17.27
N GLY A 30 -15.52 14.34 16.89
CA GLY A 30 -15.93 14.81 15.58
C GLY A 30 -15.59 13.88 14.43
N GLY A 31 -15.41 14.47 13.25
CA GLY A 31 -15.11 13.77 12.01
C GLY A 31 -13.83 12.96 11.96
N TRP A 32 -12.80 13.38 12.71
CA TRP A 32 -11.50 12.71 12.80
C TRP A 32 -11.70 11.38 13.52
N GLN A 33 -12.43 11.41 14.66
CA GLN A 33 -12.75 10.22 15.44
C GLN A 33 -13.70 9.29 14.67
N GLU A 34 -14.66 9.86 13.91
CA GLU A 34 -15.56 9.06 13.07
C GLU A 34 -14.75 8.38 11.97
N ALA A 35 -13.76 9.09 11.40
CA ALA A 35 -12.89 8.57 10.33
C ALA A 35 -12.02 7.39 10.83
N GLN A 36 -11.35 7.54 12.00
CA GLN A 36 -10.52 6.50 12.63
C GLN A 36 -11.38 5.30 12.99
N ASP A 37 -12.59 5.55 13.49
CA ASP A 37 -13.52 4.49 13.85
C ASP A 37 -13.96 3.62 12.65
N LYS A 38 -14.43 4.26 11.56
CA LYS A 38 -14.90 3.60 10.35
C LYS A 38 -13.76 2.87 9.61
N ALA A 39 -12.54 3.44 9.63
CA ALA A 39 -11.40 2.91 8.89
C ALA A 39 -10.54 1.92 9.65
N LEU A 40 -10.31 2.17 10.96
CA LEU A 40 -9.39 1.39 11.79
C LEU A 40 -10.02 0.59 12.93
N TRP A 41 -10.75 1.27 13.83
CA TRP A 41 -11.30 0.72 15.06
C TRP A 41 -12.36 -0.38 14.84
N ALA A 42 -13.48 -0.08 14.14
CA ALA A 42 -14.53 -1.06 13.86
C ALA A 42 -14.03 -2.27 13.04
N PRO A 43 -13.25 -2.08 11.94
CA PRO A 43 -12.74 -3.27 11.20
C PRO A 43 -11.74 -4.13 11.97
N ALA A 44 -10.79 -3.48 12.71
CA ALA A 44 -9.75 -4.19 13.51
C ALA A 44 -10.37 -5.01 14.63
N ALA A 45 -11.41 -4.47 15.28
CA ALA A 45 -12.17 -5.10 16.35
C ALA A 45 -12.95 -6.31 15.82
N LYS A 46 -13.69 -6.15 14.70
CA LYS A 46 -14.45 -7.22 14.02
C LYS A 46 -13.50 -8.38 13.72
N ALA A 47 -12.30 -8.08 13.21
CA ALA A 47 -11.24 -9.04 12.89
C ALA A 47 -10.79 -9.85 14.10
N LEU A 48 -10.43 -9.16 15.21
CA LEU A 48 -9.93 -9.71 16.47
C LEU A 48 -11.04 -10.34 17.32
N ASN A 49 -12.31 -10.07 16.95
CA ASN A 49 -13.50 -10.53 17.64
C ASN A 49 -13.48 -10.05 19.10
N ILE A 50 -13.20 -8.74 19.26
CA ILE A 50 -13.16 -8.01 20.53
C ILE A 50 -14.14 -6.85 20.48
N THR A 51 -14.34 -6.19 21.62
CA THR A 51 -15.27 -5.05 21.74
C THR A 51 -14.55 -3.84 22.30
N TYR A 52 -15.06 -2.66 21.96
CA TYR A 52 -14.46 -1.40 22.40
C TYR A 52 -15.54 -0.34 22.66
N THR A 53 -15.18 0.68 23.46
CA THR A 53 -16.00 1.88 23.69
C THR A 53 -15.18 3.16 23.39
N GLN A 54 -15.87 4.18 22.88
CA GLN A 54 -15.24 5.44 22.50
C GLN A 54 -15.38 6.48 23.55
N ASP A 55 -14.34 7.30 23.69
CA ASP A 55 -14.32 8.44 24.57
C ASP A 55 -13.66 9.59 23.81
N THR A 56 -13.77 10.80 24.33
CA THR A 56 -13.23 12.00 23.71
C THR A 56 -12.36 12.75 24.71
N PHE A 57 -11.42 13.59 24.23
CA PHE A 57 -10.54 14.41 25.06
C PHE A 57 -9.84 15.45 24.22
N GLN A 58 -9.46 16.57 24.86
CA GLN A 58 -8.83 17.66 24.14
C GLN A 58 -7.32 17.83 24.51
N ASN A 59 -6.81 17.17 25.57
CA ASN A 59 -5.39 17.24 25.91
C ASN A 59 -4.88 16.03 26.64
N TRP A 60 -3.65 15.62 26.34
CA TRP A 60 -2.98 14.48 26.96
C TRP A 60 -2.91 14.59 28.51
N ALA A 61 -2.87 15.85 29.02
CA ALA A 61 -2.80 16.19 30.44
C ALA A 61 -3.98 15.56 31.23
N GLU A 62 -5.10 15.28 30.54
CA GLU A 62 -6.28 14.60 31.08
C GLU A 62 -5.90 13.15 31.46
N ALA A 63 -5.04 12.48 30.64
CA ALA A 63 -4.55 11.12 30.93
C ALA A 63 -3.54 11.18 32.05
N ARG A 64 -2.71 12.24 32.10
CA ARG A 64 -1.75 12.44 33.19
C ARG A 64 -2.49 12.50 34.53
N ALA A 65 -3.66 13.19 34.56
CA ALA A 65 -4.54 13.33 35.72
C ALA A 65 -5.05 11.98 36.21
N GLN A 66 -5.39 11.06 35.28
CA GLN A 66 -5.85 9.70 35.58
C GLN A 66 -4.75 8.87 36.25
N VAL A 67 -3.53 8.96 35.71
CA VAL A 67 -2.35 8.24 36.17
C VAL A 67 -1.95 8.73 37.54
N GLU A 68 -1.82 10.06 37.71
CA GLU A 68 -1.46 10.72 38.97
C GLU A 68 -2.42 10.35 40.10
N SER A 69 -3.74 10.31 39.79
CA SER A 69 -4.83 9.98 40.72
C SER A 69 -5.07 8.47 40.96
N GLY A 70 -4.59 7.61 40.07
CA GLY A 70 -4.77 6.16 40.19
C GLY A 70 -6.15 5.72 39.74
N SER A 71 -6.75 6.47 38.76
CA SER A 71 -8.09 6.26 38.22
C SER A 71 -8.02 6.10 36.74
N VAL A 72 -7.23 5.13 36.27
CA VAL A 72 -7.04 4.91 34.85
C VAL A 72 -8.24 4.16 34.26
N THR A 73 -9.04 4.87 33.42
CA THR A 73 -10.22 4.32 32.74
C THR A 73 -9.99 4.16 31.23
N TRP A 74 -9.02 4.91 30.64
CA TRP A 74 -8.70 4.79 29.22
C TRP A 74 -7.61 3.75 29.00
N ASP A 75 -7.61 3.11 27.81
CA ASP A 75 -6.58 2.16 27.42
C ASP A 75 -5.68 2.81 26.37
N ILE A 76 -6.26 3.12 25.18
CA ILE A 76 -5.54 3.75 24.06
C ILE A 76 -5.94 5.21 23.92
N ILE A 77 -4.92 6.09 23.82
CA ILE A 77 -5.07 7.53 23.63
C ILE A 77 -4.47 7.92 22.31
N GLN A 78 -5.18 8.76 21.56
CA GLN A 78 -4.73 9.30 20.28
C GLN A 78 -4.13 10.67 20.57
N ILE A 79 -2.79 10.76 20.50
CA ILE A 79 -2.04 12.00 20.71
C ILE A 79 -1.17 12.33 19.49
N GLY A 80 -0.48 13.46 19.56
CA GLY A 80 0.47 13.92 18.56
C GLY A 80 1.88 13.63 19.06
N ILE A 81 2.81 13.26 18.15
CA ILE A 81 4.21 12.96 18.46
C ILE A 81 4.86 14.08 19.36
N ALA A 82 4.41 15.35 19.20
CA ALA A 82 4.82 16.54 19.95
C ALA A 82 4.69 16.34 21.47
N ASP A 83 3.58 15.69 21.89
CA ASP A 83 3.23 15.36 23.28
C ASP A 83 3.92 14.09 23.81
N GLU A 84 4.43 13.21 22.93
CA GLU A 84 5.10 11.95 23.29
C GLU A 84 6.30 12.15 24.29
N PRO A 85 7.30 13.04 24.09
CA PRO A 85 8.39 13.13 25.09
C PRO A 85 7.93 13.50 26.49
N GLN A 86 7.02 14.49 26.62
CA GLN A 86 6.46 14.99 27.88
C GLN A 86 5.66 13.91 28.60
N ALA A 87 4.75 13.22 27.88
CA ALA A 87 3.95 12.12 28.41
C ALA A 87 4.81 10.91 28.80
N LYS A 88 5.90 10.61 28.03
CA LYS A 88 6.78 9.47 28.34
C LYS A 88 7.55 9.73 29.65
N ALA A 89 8.09 10.97 29.79
CA ALA A 89 8.82 11.45 30.96
C ALA A 89 7.92 11.57 32.20
N ALA A 90 6.61 11.82 32.04
CA ALA A 90 5.69 11.94 33.17
C ALA A 90 5.15 10.58 33.69
N GLY A 91 5.54 9.48 33.04
CA GLY A 91 5.11 8.13 33.37
C GLY A 91 3.66 7.85 33.03
N VAL A 92 3.14 8.54 31.98
CA VAL A 92 1.75 8.46 31.51
C VAL A 92 1.56 7.33 30.48
N LEU A 93 2.62 6.97 29.74
CA LEU A 93 2.52 5.96 28.70
C LEU A 93 3.22 4.68 29.04
N GLU A 94 2.57 3.57 28.70
CA GLU A 94 3.06 2.21 28.84
C GLU A 94 3.99 1.97 27.66
N LYS A 95 5.11 1.25 27.92
CA LYS A 95 6.07 0.83 26.91
C LYS A 95 5.41 -0.30 26.11
N LEU A 96 5.28 -0.11 24.80
CA LEU A 96 4.67 -1.08 23.89
C LEU A 96 5.59 -2.28 23.63
N ASP A 97 4.96 -3.43 23.30
CA ASP A 97 5.63 -4.68 22.97
C ASP A 97 6.60 -4.48 21.79
N PRO A 98 7.75 -5.18 21.74
CA PRO A 98 8.72 -4.93 20.66
C PRO A 98 8.19 -5.06 19.23
N ASP A 99 7.58 -6.20 18.89
CA ASP A 99 7.08 -6.52 17.54
C ASP A 99 5.74 -5.86 17.12
N ILE A 100 5.18 -4.90 17.91
CA ILE A 100 3.90 -4.23 17.63
C ILE A 100 3.84 -3.74 16.15
N VAL A 101 4.88 -3.06 15.68
CA VAL A 101 5.02 -2.61 14.29
C VAL A 101 6.46 -2.81 13.83
N ASN A 102 6.69 -2.64 12.54
CA ASN A 102 8.01 -2.67 11.98
C ASN A 102 8.26 -1.24 11.48
N LYS A 103 9.15 -0.51 12.20
CA LYS A 103 9.57 0.88 11.95
C LYS A 103 9.86 1.13 10.46
N ALA A 104 10.35 0.10 9.74
CA ALA A 104 10.68 0.11 8.31
C ALA A 104 9.48 0.39 7.40
N ASP A 105 8.26 0.13 7.87
CA ASP A 105 6.99 0.34 7.15
C ASP A 105 6.51 1.78 7.30
N PHE A 106 7.09 2.53 8.26
CA PHE A 106 6.74 3.89 8.70
C PHE A 106 7.87 4.92 8.48
N PRO A 107 7.55 6.22 8.30
CA PRO A 107 8.63 7.20 8.09
C PRO A 107 9.55 7.36 9.31
N PRO A 108 10.79 7.90 9.18
CA PRO A 108 11.66 8.05 10.36
C PRO A 108 11.07 8.91 11.48
N GLY A 109 11.35 8.52 12.71
CA GLY A 109 10.91 9.22 13.93
C GLY A 109 9.41 9.23 14.21
N SER A 110 8.61 8.50 13.40
CA SER A 110 7.16 8.42 13.57
C SER A 110 6.74 7.26 14.52
N VAL A 111 7.70 6.40 14.94
CA VAL A 111 7.48 5.28 15.86
C VAL A 111 8.54 5.30 16.98
N THR A 112 8.09 5.18 18.25
CA THR A 112 8.92 5.16 19.47
C THR A 112 8.55 3.92 20.34
N ASP A 113 9.23 3.70 21.49
CA ASP A 113 8.90 2.56 22.37
C ASP A 113 7.53 2.69 23.08
N SER A 114 6.90 3.87 22.98
CA SER A 114 5.62 4.14 23.63
C SER A 114 4.61 4.78 22.66
N PHE A 115 4.94 4.84 21.36
CA PHE A 115 4.10 5.50 20.35
C PHE A 115 4.14 4.86 18.95
N VAL A 116 2.95 4.57 18.41
CA VAL A 116 2.79 4.04 17.06
C VAL A 116 1.99 5.10 16.26
N ALA A 117 2.50 5.50 15.08
CA ALA A 117 1.83 6.48 14.22
C ALA A 117 0.62 5.87 13.49
N ASN A 118 -0.43 6.70 13.29
CA ASN A 118 -1.57 6.29 12.46
C ASN A 118 -1.66 7.13 11.19
N SER A 119 -1.12 8.36 11.23
CA SER A 119 -1.17 9.32 10.13
C SER A 119 0.00 10.29 10.18
N ASN A 120 0.18 11.06 9.09
CA ASN A 120 1.24 12.05 8.88
C ASN A 120 0.70 13.23 8.10
N TYR A 121 1.27 14.38 8.41
CA TYR A 121 0.98 15.66 7.77
C TYR A 121 2.29 16.38 7.51
N SER A 122 2.25 17.50 6.77
CA SER A 122 3.46 18.29 6.44
C SER A 122 3.22 19.77 6.54
N THR A 123 4.26 20.49 7.01
CA THR A 123 4.34 21.94 7.08
C THR A 123 5.19 22.26 5.85
N LEU A 124 4.56 22.72 4.76
CA LEU A 124 5.26 22.95 3.49
C LEU A 124 5.19 24.38 2.92
N ILE A 125 5.95 24.64 1.82
CA ILE A 125 6.03 25.91 1.06
C ILE A 125 4.98 25.88 -0.09
N ALA A 126 4.16 26.93 -0.13
CA ALA A 126 3.13 27.18 -1.14
C ALA A 126 3.29 28.63 -1.64
N TRP A 127 2.95 28.89 -2.91
CA TRP A 127 3.10 30.23 -3.52
C TRP A 127 1.96 30.56 -4.46
N ASN A 128 1.76 31.88 -4.69
CA ASN A 128 0.72 32.43 -5.55
C ASN A 128 1.18 32.37 -6.99
N LYS A 129 0.44 31.65 -7.85
CA LYS A 129 0.76 31.54 -9.27
C LYS A 129 0.48 32.86 -9.99
N LYS A 130 -0.37 33.72 -9.39
CA LYS A 130 -0.68 35.05 -9.94
C LYS A 130 0.60 35.89 -9.92
N THR A 131 1.40 35.76 -8.82
CA THR A 131 2.67 36.47 -8.61
C THR A 131 3.84 35.85 -9.39
N TYR A 132 4.11 34.51 -9.20
CA TYR A 132 5.28 33.83 -9.76
C TYR A 132 5.04 32.83 -10.90
N GLY A 133 3.79 32.51 -11.19
CA GLY A 133 3.51 31.49 -12.19
C GLY A 133 3.98 30.14 -11.69
N ASP A 134 4.64 29.37 -12.56
CA ASP A 134 5.18 28.05 -12.19
C ASP A 134 6.55 28.18 -11.49
N ASN A 135 7.19 29.36 -11.64
CA ASN A 135 8.50 29.67 -11.11
C ASN A 135 8.46 30.33 -9.73
N GLY A 136 8.00 29.55 -8.76
CA GLY A 136 7.90 29.98 -7.37
C GLY A 136 9.03 29.41 -6.55
N PRO A 137 9.11 29.79 -5.25
CA PRO A 137 10.19 29.25 -4.38
C PRO A 137 10.08 27.74 -4.24
N LYS A 138 11.16 27.01 -4.51
CA LYS A 138 11.08 25.55 -4.44
C LYS A 138 12.02 24.94 -3.37
N SER A 139 12.36 25.76 -2.34
CA SER A 139 13.23 25.42 -1.18
C SER A 139 13.12 26.49 -0.09
N MET A 140 13.70 26.22 1.09
CA MET A 140 13.73 27.20 2.19
C MET A 140 14.63 28.38 1.84
N ALA A 141 15.69 28.14 1.04
CA ALA A 141 16.62 29.14 0.57
C ALA A 141 15.87 30.15 -0.31
N ASP A 142 15.07 29.65 -1.30
CA ASP A 142 14.22 30.43 -2.19
C ASP A 142 13.18 31.23 -1.39
N PHE A 143 12.50 30.58 -0.45
CA PHE A 143 11.50 31.21 0.41
C PHE A 143 12.09 32.40 1.19
N PHE A 144 13.35 32.30 1.64
CA PHE A 144 14.05 33.35 2.39
C PHE A 144 14.80 34.37 1.53
N ASP A 145 14.76 34.21 0.19
CA ASP A 145 15.41 35.10 -0.78
C ASP A 145 14.46 36.17 -1.28
N VAL A 146 14.55 37.39 -0.72
CA VAL A 146 13.69 38.50 -1.10
C VAL A 146 14.21 39.15 -2.38
N LYS A 147 15.49 38.90 -2.73
CA LYS A 147 16.11 39.41 -3.95
C LYS A 147 15.59 38.59 -5.15
N LYS A 148 15.76 37.24 -5.13
CA LYS A 148 15.32 36.33 -6.18
C LYS A 148 13.79 36.23 -6.28
N PHE A 149 13.08 36.17 -5.11
CA PHE A 149 11.62 36.06 -5.05
C PHE A 149 10.98 37.16 -4.20
N PRO A 150 10.90 38.41 -4.69
CA PRO A 150 10.27 39.48 -3.88
C PRO A 150 8.79 39.23 -3.61
N GLY A 151 8.30 39.70 -2.47
CA GLY A 151 6.89 39.53 -2.11
C GLY A 151 6.55 39.37 -0.66
N LYS A 152 5.24 39.18 -0.40
CA LYS A 152 4.60 39.03 0.90
C LYS A 152 4.64 37.57 1.39
N ARG A 153 5.37 37.35 2.49
CA ARG A 153 5.49 36.05 3.15
C ARG A 153 4.49 35.93 4.30
N ALA A 154 4.01 34.71 4.56
CA ALA A 154 3.13 34.39 5.67
C ALA A 154 3.72 33.19 6.38
N LEU A 155 3.95 33.35 7.69
CA LEU A 155 4.58 32.37 8.59
C LEU A 155 3.64 32.05 9.73
N TRP A 156 3.85 30.92 10.41
CA TRP A 156 3.03 30.57 11.55
C TRP A 156 3.40 31.47 12.74
N ASN A 157 2.48 31.68 13.69
CA ASN A 157 2.78 32.51 14.86
C ASN A 157 3.43 31.67 15.98
N GLN A 158 3.56 30.34 15.75
CA GLN A 158 4.24 29.39 16.63
C GLN A 158 5.63 29.02 16.02
N PRO A 159 6.67 28.73 16.83
CA PRO A 159 8.01 28.59 16.25
C PRO A 159 8.32 27.26 15.60
N ILE A 160 7.48 26.25 15.81
CA ILE A 160 7.69 24.89 15.29
C ILE A 160 7.57 24.87 13.77
N GLY A 161 8.67 24.48 13.15
CA GLY A 161 8.81 24.38 11.71
C GLY A 161 9.40 25.63 11.09
N MET A 162 9.35 26.75 11.84
CA MET A 162 9.77 28.08 11.45
C MET A 162 11.25 28.34 11.72
N ILE A 163 11.74 27.93 12.91
CA ILE A 163 13.16 28.07 13.27
C ILE A 163 13.99 27.11 12.40
N GLU A 164 13.43 25.93 12.12
CA GLU A 164 14.01 24.88 11.27
C GLU A 164 14.08 25.34 9.83
N ALA A 165 13.05 26.08 9.37
CA ALA A 165 12.99 26.68 8.03
C ALA A 165 14.15 27.69 7.89
N ALA A 166 14.39 28.52 8.92
CA ALA A 166 15.48 29.49 9.00
C ALA A 166 16.86 28.81 8.96
N ALA A 167 16.98 27.64 9.63
CA ALA A 167 18.20 26.84 9.68
C ALA A 167 18.50 26.24 8.30
N LEU A 168 17.46 25.73 7.57
CA LEU A 168 17.61 25.17 6.22
C LEU A 168 17.95 26.27 5.22
N ALA A 169 17.37 27.47 5.43
CA ALA A 169 17.61 28.65 4.61
C ALA A 169 19.10 29.05 4.66
N LEU A 170 19.76 28.83 5.85
CA LEU A 170 21.18 29.08 6.11
C LEU A 170 22.13 28.03 5.48
N GLY A 171 21.58 27.15 4.65
CA GLY A 171 22.32 26.11 3.95
C GLY A 171 22.44 24.77 4.64
N THR A 172 21.85 24.63 5.85
CA THR A 172 21.91 23.38 6.65
C THR A 172 21.22 22.19 5.93
N PRO A 173 21.93 21.03 5.75
CA PRO A 173 21.27 19.88 5.11
C PRO A 173 20.09 19.35 5.95
N ARG A 174 18.99 18.93 5.28
CA ARG A 174 17.74 18.40 5.87
C ARG A 174 17.97 17.45 7.05
N ASP A 175 18.96 16.57 6.92
CA ASP A 175 19.34 15.53 7.89
C ASP A 175 20.14 16.05 9.10
N LYS A 176 20.59 17.32 9.08
CA LYS A 176 21.39 17.91 10.17
C LYS A 176 20.72 19.13 10.86
N VAL A 177 19.43 19.37 10.55
CA VAL A 177 18.61 20.47 11.09
C VAL A 177 18.72 20.61 12.61
N TYR A 178 18.48 19.51 13.33
CA TYR A 178 18.48 19.55 14.79
C TYR A 178 19.89 19.40 15.42
N GLU A 179 20.91 19.06 14.58
CA GLU A 179 22.33 19.00 14.96
C GLU A 179 22.84 20.45 15.00
N PHE A 180 22.41 21.27 14.00
CA PHE A 180 22.75 22.70 13.86
C PHE A 180 22.13 23.50 15.02
N LEU A 181 20.83 23.25 15.30
CA LEU A 181 20.06 23.88 16.36
C LEU A 181 20.38 23.34 17.79
N SER A 182 21.38 22.42 17.93
CA SER A 182 21.78 21.84 19.23
C SER A 182 22.75 22.76 20.00
N THR A 183 23.31 23.78 19.30
CA THR A 183 24.26 24.77 19.82
C THR A 183 23.62 26.14 19.97
N GLU A 184 24.15 26.98 20.89
CA GLU A 184 23.71 28.35 21.12
C GLU A 184 23.99 29.21 19.87
N GLU A 185 25.12 28.94 19.19
CA GLU A 185 25.57 29.61 17.96
C GLU A 185 24.59 29.36 16.79
N GLY A 186 24.17 28.11 16.63
CA GLY A 186 23.22 27.70 15.61
C GLY A 186 21.84 28.27 15.84
N ARG A 187 21.38 28.25 17.12
CA ARG A 187 20.08 28.78 17.53
C ARG A 187 19.95 30.30 17.29
N LYS A 188 21.04 31.03 17.60
CA LYS A 188 21.14 32.49 17.39
C LYS A 188 21.12 32.83 15.91
N ALA A 189 21.87 32.06 15.08
CA ALA A 189 21.95 32.24 13.62
C ALA A 189 20.58 32.07 12.98
N ALA A 190 19.82 31.05 13.43
CA ALA A 190 18.48 30.73 12.97
C ALA A 190 17.51 31.85 13.31
N ILE A 191 17.56 32.41 14.55
CA ILE A 191 16.70 33.52 14.95
C ILE A 191 17.07 34.80 14.18
N ALA A 192 18.39 35.04 13.96
CA ALA A 192 18.88 36.18 13.21
C ALA A 192 18.38 36.14 11.77
N LYS A 193 18.29 34.94 11.16
CA LYS A 193 17.79 34.72 9.80
C LYS A 193 16.31 35.06 9.73
N LEU A 194 15.54 34.70 10.76
CA LEU A 194 14.11 35.00 10.85
C LEU A 194 13.87 36.52 10.92
N THR A 195 14.69 37.23 11.72
CA THR A 195 14.69 38.69 11.94
C THR A 195 14.97 39.44 10.62
N GLU A 196 15.92 38.93 9.82
CA GLU A 196 16.38 39.45 8.54
C GLU A 196 15.26 39.35 7.49
N LEU A 197 14.38 38.35 7.64
CA LEU A 197 13.24 38.13 6.75
C LEU A 197 11.98 38.81 7.25
N ALA A 198 11.85 39.00 8.59
CA ALA A 198 10.71 39.60 9.28
C ALA A 198 10.04 40.79 8.55
N PRO A 199 10.77 41.79 7.96
CA PRO A 199 10.08 42.89 7.26
C PRO A 199 9.19 42.44 6.09
N SER A 200 9.64 41.39 5.35
CA SER A 200 8.93 40.82 4.20
C SER A 200 7.79 39.90 4.60
N VAL A 201 7.66 39.56 5.89
CA VAL A 201 6.57 38.73 6.43
C VAL A 201 5.39 39.67 6.69
N SER A 202 4.34 39.58 5.85
CA SER A 202 3.15 40.42 5.96
C SER A 202 2.10 39.88 6.93
N VAL A 203 2.12 38.55 7.19
CA VAL A 203 1.15 37.91 8.10
C VAL A 203 1.78 36.78 8.91
N TRP A 204 1.37 36.69 10.18
CA TRP A 204 1.74 35.60 11.09
C TRP A 204 0.41 34.90 11.34
N TRP A 205 0.11 33.84 10.54
CA TRP A 205 -1.18 33.13 10.62
C TRP A 205 -1.29 32.32 11.93
N GLU A 206 -2.49 32.32 12.51
CA GLU A 206 -2.88 31.76 13.81
C GLU A 206 -3.41 30.33 13.75
N SER A 207 -4.23 30.04 12.72
CA SER A 207 -4.88 28.74 12.54
C SER A 207 -4.86 28.32 11.08
N GLY A 208 -5.03 27.02 10.83
CA GLY A 208 -5.08 26.44 9.50
C GLY A 208 -6.28 26.96 8.72
N ALA A 209 -7.43 27.19 9.41
CA ALA A 209 -8.64 27.71 8.79
C ALA A 209 -8.40 29.11 8.28
N GLN A 210 -7.60 29.91 9.03
CA GLN A 210 -7.23 31.28 8.68
C GLN A 210 -6.22 31.23 7.53
N ALA A 211 -5.15 30.39 7.68
CA ALA A 211 -4.14 30.13 6.65
C ALA A 211 -4.77 29.79 5.27
N ALA A 212 -5.73 28.82 5.24
CA ALA A 212 -6.46 28.38 4.03
C ALA A 212 -7.28 29.50 3.41
N GLN A 213 -7.93 30.34 4.25
CA GLN A 213 -8.75 31.46 3.79
C GLN A 213 -7.88 32.54 3.14
N LEU A 214 -6.63 32.74 3.66
CA LEU A 214 -5.62 33.67 3.13
C LEU A 214 -5.17 33.19 1.75
N ILE A 215 -4.88 31.85 1.60
CA ILE A 215 -4.49 31.24 0.32
C ILE A 215 -5.62 31.48 -0.70
N LYS A 216 -6.88 31.23 -0.29
CA LYS A 216 -8.06 31.43 -1.15
C LYS A 216 -8.19 32.85 -1.69
N ASP A 217 -8.13 33.86 -0.78
CA ASP A 217 -8.31 35.29 -1.05
C ASP A 217 -7.17 36.00 -1.81
N GLY A 218 -6.06 35.30 -2.03
CA GLY A 218 -4.89 35.82 -2.72
C GLY A 218 -4.13 36.90 -1.97
N GLU A 219 -4.25 36.92 -0.62
CA GLU A 219 -3.63 37.93 0.24
C GLU A 219 -2.15 37.74 0.51
N VAL A 220 -1.60 36.57 0.17
CA VAL A 220 -0.17 36.30 0.37
C VAL A 220 0.48 35.93 -0.93
N ASP A 221 1.79 36.15 -1.03
CA ASP A 221 2.55 35.78 -2.20
C ASP A 221 3.12 34.39 -2.00
N MET A 222 3.61 34.09 -0.79
CA MET A 222 4.08 32.75 -0.42
C MET A 222 3.76 32.44 1.07
N ILE A 223 3.67 31.15 1.44
CA ILE A 223 3.30 30.72 2.82
C ILE A 223 3.90 29.37 3.24
N ILE A 224 4.15 29.18 4.53
CA ILE A 224 4.58 27.91 5.12
C ILE A 224 3.44 27.49 6.05
N THR A 225 2.62 26.54 5.59
CA THR A 225 1.47 26.03 6.33
C THR A 225 1.29 24.54 6.06
N TRP A 226 0.22 23.95 6.62
CA TRP A 226 -0.09 22.54 6.46
C TRP A 226 -0.65 22.21 5.07
N GLY A 227 -0.10 21.15 4.47
CA GLY A 227 -0.44 20.67 3.13
C GLY A 227 -1.91 20.55 2.80
N GLY A 228 -2.67 19.92 3.69
CA GLY A 228 -4.10 19.68 3.52
C GLY A 228 -4.93 20.95 3.50
N ARG A 229 -4.37 22.05 4.02
CA ARG A 229 -4.99 23.37 4.01
C ARG A 229 -4.73 24.02 2.67
N VAL A 230 -3.52 23.85 2.14
CA VAL A 230 -3.09 24.36 0.85
C VAL A 230 -3.86 23.59 -0.23
N GLN A 231 -3.83 22.23 -0.20
CA GLN A 231 -4.53 21.36 -1.16
C GLN A 231 -6.05 21.59 -1.15
N GLY A 232 -6.61 21.78 0.04
CA GLY A 232 -8.03 22.08 0.23
C GLY A 232 -8.43 23.37 -0.46
N ALA A 233 -7.55 24.40 -0.38
CA ALA A 233 -7.76 25.72 -0.98
C ALA A 233 -7.51 25.77 -2.51
N ILE A 234 -6.69 24.86 -3.04
CA ILE A 234 -6.45 24.75 -4.49
C ILE A 234 -7.74 24.18 -5.10
N ASN A 235 -8.35 23.18 -4.42
CA ASN A 235 -9.65 22.54 -4.70
C ASN A 235 -10.80 23.52 -4.58
N ASP A 236 -10.68 24.52 -3.69
CA ASP A 236 -11.66 25.59 -3.50
C ASP A 236 -11.54 26.69 -4.59
N GLY A 237 -10.45 26.65 -5.40
CA GLY A 237 -10.23 27.55 -6.51
C GLY A 237 -9.05 28.49 -6.46
N ALA A 238 -8.21 28.41 -5.39
CA ALA A 238 -7.02 29.26 -5.21
C ALA A 238 -6.00 29.02 -6.30
N ASN A 239 -5.39 30.10 -6.83
CA ASN A 239 -4.38 29.92 -7.87
C ASN A 239 -3.03 29.79 -7.23
N PHE A 240 -2.86 28.71 -6.45
CA PHE A 240 -1.65 28.40 -5.74
C PHE A 240 -1.03 27.08 -6.17
N ALA A 241 0.27 26.97 -5.92
CA ALA A 241 1.10 25.79 -6.17
C ALA A 241 1.91 25.50 -4.89
N TYR A 242 2.47 24.30 -4.78
CA TYR A 242 3.24 23.94 -3.58
C TYR A 242 4.26 22.83 -3.83
N THR A 243 5.12 22.61 -2.81
CA THR A 243 6.21 21.65 -2.87
C THR A 243 6.44 20.98 -1.51
N PHE A 244 6.82 19.71 -1.52
CA PHE A 244 7.15 18.98 -0.29
C PHE A 244 8.64 19.11 -0.01
N ASN A 245 9.36 19.84 -0.90
CA ASN A 245 10.79 20.10 -0.80
C ASN A 245 11.00 20.97 0.44
N ASP A 246 11.79 20.45 1.40
CA ASP A 246 12.12 21.08 2.70
C ASP A 246 10.93 21.13 3.70
N ALA A 247 9.84 20.41 3.42
CA ALA A 247 8.67 20.36 4.32
C ALA A 247 9.00 19.55 5.59
N GLN A 248 8.32 19.84 6.70
CA GLN A 248 8.52 19.10 7.94
C GLN A 248 7.44 18.02 8.04
N LEU A 249 7.82 16.76 8.23
CA LEU A 249 6.86 15.68 8.37
C LEU A 249 6.43 15.53 9.82
N GLY A 250 5.14 15.73 10.04
CA GLY A 250 4.49 15.64 11.35
C GLY A 250 3.77 14.32 11.55
N THR A 251 3.53 13.92 12.82
CA THR A 251 2.91 12.62 13.09
C THR A 251 1.79 12.66 14.14
N ASP A 252 0.73 11.88 13.89
CA ASP A 252 -0.37 11.63 14.82
C ASP A 252 -0.40 10.14 15.04
N GLY A 253 -0.71 9.73 16.26
CA GLY A 253 -0.74 8.31 16.52
C GLY A 253 -1.38 7.95 17.82
N TYR A 254 -1.05 6.74 18.29
CA TYR A 254 -1.59 6.14 19.51
C TYR A 254 -0.56 5.67 20.50
N ALA A 255 -0.93 5.75 21.77
CA ALA A 255 -0.14 5.31 22.93
C ALA A 255 -1.09 4.56 23.89
N ILE A 256 -0.57 3.63 24.70
CA ILE A 256 -1.39 2.93 25.70
C ILE A 256 -1.06 3.57 27.06
N VAL A 257 -2.10 3.97 27.80
CA VAL A 257 -1.99 4.63 29.11
C VAL A 257 -1.39 3.65 30.17
N LYS A 258 -0.47 4.15 31.02
CA LYS A 258 0.20 3.39 32.07
C LYS A 258 -0.84 2.98 33.09
N GLY A 259 -0.98 1.67 33.30
CA GLY A 259 -1.95 1.09 34.20
C GLY A 259 -3.31 0.92 33.55
N ALA A 260 -3.35 0.79 32.21
CA ALA A 260 -4.56 0.61 31.40
C ALA A 260 -5.33 -0.61 31.89
N PRO A 261 -6.66 -0.46 32.18
CA PRO A 261 -7.44 -1.61 32.68
C PRO A 261 -7.45 -2.85 31.77
N HIS A 262 -7.28 -2.65 30.45
CA HIS A 262 -7.30 -3.70 29.44
C HIS A 262 -6.01 -3.68 28.60
N ARG A 263 -4.86 -3.48 29.27
CA ARG A 263 -3.50 -3.32 28.72
C ARG A 263 -3.11 -4.36 27.64
N ASP A 264 -3.36 -5.65 27.91
CA ASP A 264 -3.04 -6.77 27.03
C ASP A 264 -3.94 -6.81 25.78
N ALA A 265 -5.24 -6.54 25.97
CA ALA A 265 -6.23 -6.48 24.89
C ALA A 265 -6.04 -5.22 24.02
N ALA A 266 -5.68 -4.07 24.64
CA ALA A 266 -5.43 -2.79 23.98
C ALA A 266 -4.21 -2.90 23.04
N MET A 267 -3.23 -3.71 23.45
CA MET A 267 -1.98 -4.02 22.74
C MET A 267 -2.29 -4.81 21.46
N ARG A 268 -3.19 -5.80 21.57
CA ARG A 268 -3.66 -6.65 20.46
C ARG A 268 -4.36 -5.77 19.44
N PHE A 269 -5.21 -4.86 19.93
CA PHE A 269 -6.03 -3.91 19.19
C PHE A 269 -5.16 -2.88 18.45
N LEU A 270 -4.10 -2.38 19.10
CA LEU A 270 -3.17 -1.42 18.52
C LEU A 270 -2.32 -2.06 17.42
N LYS A 271 -1.90 -3.32 17.62
CA LYS A 271 -1.11 -4.06 16.63
C LYS A 271 -1.94 -4.26 15.33
N GLU A 272 -3.22 -4.64 15.51
CA GLU A 272 -4.16 -4.87 14.43
C GLU A 272 -4.50 -3.61 13.62
N MET A 273 -4.92 -2.49 14.26
CA MET A 273 -5.35 -1.27 13.54
C MET A 273 -4.21 -0.53 12.78
N SER A 274 -2.94 -0.86 13.10
CA SER A 274 -1.73 -0.30 12.50
C SER A 274 -1.40 -0.98 11.16
N LYS A 275 -1.99 -2.17 10.92
CA LYS A 275 -1.82 -2.95 9.68
C LYS A 275 -2.24 -2.15 8.43
N ALA A 276 -1.54 -2.41 7.32
CA ALA A 276 -1.71 -1.81 6.00
C ALA A 276 -3.16 -1.85 5.49
N GLU A 277 -3.86 -2.95 5.79
CA GLU A 277 -5.21 -3.20 5.33
C GLU A 277 -6.27 -2.26 5.91
N TYR A 278 -5.98 -1.60 7.04
CA TYR A 278 -6.90 -0.67 7.71
C TYR A 278 -6.48 0.75 7.42
N GLN A 279 -5.16 0.97 7.46
CA GLN A 279 -4.50 2.23 7.14
C GLN A 279 -4.91 2.80 5.79
N LYS A 280 -4.98 1.94 4.74
CA LYS A 280 -5.32 2.34 3.38
C LYS A 280 -6.70 3.03 3.22
N ASP A 281 -7.62 2.78 4.15
CA ASP A 281 -8.97 3.31 4.11
C ASP A 281 -9.10 4.61 4.86
N LEU A 282 -8.07 4.98 5.62
CA LEU A 282 -8.08 6.21 6.39
C LEU A 282 -8.25 7.46 5.48
N PRO A 283 -7.57 7.61 4.28
CA PRO A 283 -7.79 8.80 3.45
C PRO A 283 -9.12 8.86 2.68
N ASN A 284 -9.91 7.77 2.73
CA ASN A 284 -11.19 7.69 2.03
C ASN A 284 -12.23 8.64 2.62
N SER A 285 -12.17 8.86 3.94
CA SER A 285 -13.12 9.70 4.66
C SER A 285 -12.53 11.00 5.19
N PHE A 286 -11.21 11.09 5.27
CA PHE A 286 -10.55 12.25 5.86
C PHE A 286 -9.32 12.64 5.08
N ALA A 287 -9.02 13.95 5.03
CA ALA A 287 -7.83 14.47 4.36
C ALA A 287 -6.58 14.26 5.25
N THR A 288 -5.97 13.08 5.09
CA THR A 288 -4.76 12.66 5.80
C THR A 288 -4.02 11.62 4.98
N ALA A 289 -2.78 11.33 5.39
CA ALA A 289 -1.88 10.34 4.79
C ALA A 289 -1.69 9.16 5.78
N PRO A 290 -1.79 7.89 5.35
CA PRO A 290 -1.57 6.78 6.31
C PRO A 290 -0.10 6.76 6.73
N ALA A 291 0.24 6.35 7.99
CA ALA A 291 1.65 6.30 8.40
C ALA A 291 2.33 5.02 7.92
N ASN A 292 1.56 3.92 7.78
CA ASN A 292 2.07 2.66 7.25
C ASN A 292 2.09 2.80 5.71
N MET A 293 3.28 2.90 5.12
CA MET A 293 3.47 3.11 3.68
C MET A 293 3.15 1.86 2.85
N LYS A 294 2.96 0.70 3.51
CA LYS A 294 2.56 -0.55 2.86
C LYS A 294 1.09 -0.37 2.40
N ALA A 295 0.37 0.62 3.01
CA ALA A 295 -1.01 1.00 2.68
C ALA A 295 -1.11 1.38 1.22
N TYR A 296 -0.03 1.98 0.66
CA TYR A 296 0.10 2.42 -0.72
C TYR A 296 0.06 1.26 -1.75
N ASP A 297 0.56 0.05 -1.41
CA ASP A 297 0.47 -1.19 -2.22
C ASP A 297 -1.00 -1.53 -2.39
N LEU A 298 -1.82 -1.12 -1.38
CA LEU A 298 -3.26 -1.41 -1.28
C LEU A 298 -4.18 -0.31 -1.84
N ALA A 299 -3.76 0.95 -1.79
CA ALA A 299 -4.51 2.09 -2.30
C ALA A 299 -4.52 2.14 -3.83
N LYS A 300 -3.36 1.86 -4.49
CA LYS A 300 -3.19 1.90 -5.95
C LYS A 300 -3.56 3.30 -6.55
N TYR A 301 -3.06 4.39 -5.92
CA TYR A 301 -3.32 5.77 -6.32
C TYR A 301 -2.58 6.15 -7.59
N THR A 302 -3.09 7.17 -8.33
CA THR A 302 -2.49 7.73 -9.55
C THR A 302 -1.20 8.52 -9.23
N PRO A 303 -0.22 8.69 -10.17
CA PRO A 303 0.98 9.51 -9.87
C PRO A 303 0.66 10.91 -9.31
N GLU A 304 -0.43 11.54 -9.83
CA GLU A 304 -0.95 12.84 -9.41
C GLU A 304 -1.46 12.80 -8.00
N LYS A 305 -2.11 11.68 -7.60
CA LYS A 305 -2.64 11.46 -6.24
C LYS A 305 -1.48 11.28 -5.25
N MET A 306 -0.50 10.41 -5.60
CA MET A 306 0.72 10.10 -4.84
C MET A 306 1.50 11.35 -4.47
N ALA A 307 1.73 12.27 -5.44
CA ALA A 307 2.45 13.54 -5.24
C ALA A 307 1.84 14.46 -4.17
N THR A 308 0.57 14.19 -3.78
CA THR A 308 -0.14 14.98 -2.75
C THR A 308 0.01 14.41 -1.33
N MET A 309 0.40 13.12 -1.20
CA MET A 309 0.47 12.39 0.08
C MET A 309 1.71 12.70 0.90
N ALA A 310 1.52 13.18 2.14
CA ALA A 310 2.66 13.57 3.00
C ALA A 310 3.66 12.44 3.26
N SER A 311 3.13 11.22 3.47
CA SER A 311 3.87 10.00 3.77
C SER A 311 4.27 9.21 2.56
N ALA A 312 4.03 9.71 1.34
CA ALA A 312 4.42 8.97 0.12
C ALA A 312 5.94 8.89 0.01
N PRO A 313 6.52 7.71 -0.35
CA PRO A 313 8.00 7.62 -0.53
C PRO A 313 8.69 8.76 -1.30
N GLU A 314 8.06 9.27 -2.42
CA GLU A 314 8.58 10.37 -3.23
C GLU A 314 8.66 11.70 -2.47
N ASN A 315 7.82 11.85 -1.44
CA ASN A 315 7.75 13.07 -0.64
C ASN A 315 8.52 12.95 0.68
N VAL A 316 8.57 11.73 1.26
CA VAL A 316 9.31 11.48 2.50
C VAL A 316 10.79 11.78 2.25
N ALA A 317 11.30 11.35 1.09
CA ALA A 317 12.67 11.56 0.61
C ALA A 317 13.11 13.03 0.56
N VAL A 318 12.16 14.00 0.42
CA VAL A 318 12.51 15.43 0.32
C VAL A 318 12.14 16.22 1.58
N GLN A 319 11.85 15.52 2.66
CA GLN A 319 11.46 16.15 3.93
C GLN A 319 12.41 15.79 5.04
N TYR A 320 12.17 16.40 6.21
CA TYR A 320 12.85 16.07 7.45
C TYR A 320 11.71 15.84 8.47
N SER A 321 11.90 14.92 9.42
CA SER A 321 10.89 14.63 10.45
C SER A 321 11.10 15.60 11.61
N VAL A 322 9.98 16.06 12.23
CA VAL A 322 10.06 16.93 13.41
C VAL A 322 10.78 16.13 14.56
N ASP A 323 11.55 16.83 15.40
CA ASP A 323 12.20 16.19 16.54
C ASP A 323 11.37 16.67 17.74
N PRO A 324 10.49 15.81 18.30
CA PRO A 324 9.65 16.28 19.41
C PRO A 324 10.40 16.46 20.72
N ASN A 325 11.57 15.81 20.83
CA ASN A 325 12.47 15.86 21.97
C ASN A 325 13.24 17.17 22.00
N PHE A 326 13.58 17.72 20.81
CA PHE A 326 14.24 19.02 20.70
C PHE A 326 13.31 20.10 21.28
N TRP A 327 12.06 20.09 20.81
CA TRP A 327 11.01 21.01 21.17
C TRP A 327 10.62 20.89 22.62
N ALA A 328 10.75 19.68 23.20
CA ALA A 328 10.48 19.43 24.62
C ALA A 328 11.53 20.17 25.47
N LYS A 329 12.81 20.12 25.05
CA LYS A 329 13.97 20.75 25.69
C LYS A 329 14.05 22.28 25.50
N HIS A 330 13.75 22.81 24.30
CA HIS A 330 13.92 24.24 24.01
C HIS A 330 12.63 25.05 23.78
N ALA A 331 11.44 24.51 24.12
CA ALA A 331 10.16 25.21 23.91
C ALA A 331 10.08 26.60 24.55
N LYS A 332 10.65 26.79 25.75
CA LYS A 332 10.64 28.07 26.48
C LYS A 332 11.46 29.17 25.78
N TRP A 333 12.73 28.89 25.43
CA TRP A 333 13.61 29.83 24.72
C TRP A 333 12.97 30.27 23.38
N ALA A 334 12.59 29.26 22.55
CA ALA A 334 12.02 29.41 21.22
C ALA A 334 10.83 30.35 21.20
N SER A 335 9.87 30.12 22.10
CA SER A 335 8.66 30.92 22.19
C SER A 335 8.97 32.41 22.35
N GLU A 336 9.72 32.79 23.40
CA GLU A 336 10.06 34.18 23.67
C GLU A 336 11.01 34.77 22.62
N ALA A 337 11.91 33.97 22.00
CA ALA A 337 12.82 34.44 20.92
C ALA A 337 12.03 34.78 19.65
N TYR A 338 11.05 33.92 19.30
CA TYR A 338 10.20 34.07 18.12
C TYR A 338 9.19 35.19 18.32
N ASP A 339 8.61 35.29 19.53
CA ASP A 339 7.68 36.35 19.90
C ASP A 339 8.29 37.73 19.60
N ASN A 340 9.58 37.93 19.92
CA ASN A 340 10.33 39.15 19.67
C ASN A 340 10.48 39.48 18.18
N VAL A 341 10.58 38.45 17.32
CA VAL A 341 10.72 38.56 15.86
C VAL A 341 9.41 39.16 15.27
N ARG A 342 8.24 38.61 15.68
CA ARG A 342 6.91 39.02 15.23
C ARG A 342 6.54 40.44 15.64
N LEU A 343 7.01 40.87 16.81
CA LEU A 343 6.73 42.19 17.36
C LEU A 343 7.84 43.16 17.02
N GLY B 2 6.61 -61.46 -1.32
CA GLY B 2 6.03 -60.21 -1.85
C GLY B 2 6.29 -58.99 -0.99
N SER B 3 7.02 -59.19 0.13
CA SER B 3 7.36 -58.17 1.14
C SER B 3 8.38 -57.13 0.70
N SER B 4 8.30 -55.92 1.31
CA SER B 4 9.24 -54.80 1.08
C SER B 4 10.59 -55.12 1.75
N HIS B 5 11.68 -54.39 1.35
CA HIS B 5 13.01 -54.69 1.92
C HIS B 5 13.72 -53.45 2.44
N HIS B 6 12.94 -52.39 2.68
CA HIS B 6 13.42 -51.12 3.19
C HIS B 6 12.34 -50.47 4.08
N HIS B 7 12.73 -49.58 5.01
CA HIS B 7 11.79 -48.90 5.91
C HIS B 7 10.87 -47.96 5.15
N HIS B 8 9.56 -48.06 5.42
CA HIS B 8 8.55 -47.19 4.81
C HIS B 8 8.44 -45.93 5.63
N HIS B 9 8.69 -46.03 6.95
CA HIS B 9 8.60 -44.94 7.92
C HIS B 9 9.67 -45.08 9.02
N HIS B 10 9.88 -43.98 9.74
CA HIS B 10 10.81 -43.81 10.86
C HIS B 10 10.07 -43.07 11.97
N SER B 11 10.20 -43.61 13.17
CA SER B 11 9.59 -43.08 14.39
C SER B 11 10.25 -41.76 14.89
N SER B 12 9.52 -40.63 14.82
CA SER B 12 10.09 -39.37 15.34
C SER B 12 9.80 -39.10 16.84
N GLY B 13 8.99 -39.97 17.47
CA GLY B 13 8.55 -39.84 18.85
C GLY B 13 7.66 -38.65 19.07
N LEU B 14 7.12 -38.07 17.97
CA LEU B 14 6.30 -36.87 17.92
C LEU B 14 4.84 -37.17 17.72
N VAL B 15 3.98 -36.40 18.43
CA VAL B 15 2.54 -36.50 18.34
C VAL B 15 2.07 -35.48 17.29
N PRO B 16 1.51 -35.95 16.15
CA PRO B 16 1.04 -34.99 15.12
C PRO B 16 -0.12 -34.14 15.64
N ARG B 17 -0.17 -32.85 15.30
CA ARG B 17 -1.29 -32.00 15.75
C ARG B 17 -2.47 -31.98 14.74
N GLY B 18 -3.66 -31.58 15.21
CA GLY B 18 -4.88 -31.48 14.43
C GLY B 18 -5.74 -32.74 14.48
N SER B 19 -6.63 -32.91 13.48
CA SER B 19 -7.49 -34.10 13.38
C SER B 19 -7.45 -34.73 11.98
N HIS B 20 -7.87 -36.00 11.89
CA HIS B 20 -7.92 -36.77 10.64
C HIS B 20 -9.07 -36.32 9.72
N MET B 21 -9.64 -35.16 10.06
CA MET B 21 -10.72 -34.49 9.37
C MET B 21 -10.28 -33.10 8.86
N ASP B 22 -9.09 -32.63 9.31
CA ASP B 22 -8.52 -31.34 8.91
C ASP B 22 -8.06 -31.43 7.47
N VAL B 23 -8.64 -30.56 6.60
CA VAL B 23 -8.29 -30.45 5.19
C VAL B 23 -6.93 -29.70 5.18
N VAL B 24 -5.94 -30.22 4.43
CA VAL B 24 -4.62 -29.60 4.32
C VAL B 24 -4.59 -28.76 3.05
N ILE B 25 -4.41 -27.43 3.24
CA ILE B 25 -4.35 -26.41 2.19
C ILE B 25 -2.96 -25.76 2.17
N ALA B 26 -2.32 -25.71 1.00
CA ALA B 26 -0.97 -25.16 0.87
C ALA B 26 -0.88 -24.09 -0.20
N SER B 27 -0.06 -23.06 0.06
CA SER B 27 0.26 -21.98 -0.85
C SER B 27 1.74 -21.60 -0.69
N SER B 28 2.15 -20.42 -1.19
CA SER B 28 3.53 -19.95 -1.18
C SER B 28 4.07 -19.42 0.17
N GLY B 29 3.21 -19.31 1.18
CA GLY B 29 3.58 -18.76 2.46
C GLY B 29 3.58 -17.24 2.40
N GLY B 30 4.02 -16.62 3.49
CA GLY B 30 4.10 -15.17 3.64
C GLY B 30 2.76 -14.44 3.59
N GLY B 31 2.82 -13.19 3.14
CA GLY B 31 1.66 -12.30 3.06
C GLY B 31 0.54 -12.73 2.13
N TRP B 32 0.87 -13.46 1.05
CA TRP B 32 -0.08 -13.97 0.07
C TRP B 32 -0.95 -15.04 0.73
N GLN B 33 -0.30 -15.97 1.46
CA GLN B 33 -0.98 -17.02 2.21
C GLN B 33 -1.78 -16.44 3.39
N GLU B 34 -1.25 -15.39 4.06
CA GLU B 34 -1.98 -14.71 5.13
C GLU B 34 -3.24 -14.03 4.55
N ALA B 35 -3.11 -13.44 3.35
CA ALA B 35 -4.22 -12.78 2.67
C ALA B 35 -5.36 -13.76 2.31
N GLN B 36 -5.00 -14.92 1.67
CA GLN B 36 -5.95 -15.97 1.28
C GLN B 36 -6.62 -16.54 2.51
N ASP B 37 -5.85 -16.72 3.59
CA ASP B 37 -6.38 -17.27 4.84
C ASP B 37 -7.43 -16.35 5.50
N LYS B 38 -7.10 -15.05 5.66
CA LYS B 38 -7.97 -14.06 6.28
C LYS B 38 -9.23 -13.79 5.44
N ALA B 39 -9.11 -13.82 4.12
CA ALA B 39 -10.20 -13.51 3.21
C ALA B 39 -11.07 -14.68 2.77
N LEU B 40 -10.44 -15.85 2.52
CA LEU B 40 -11.11 -17.03 1.96
C LEU B 40 -11.21 -18.24 2.87
N TRP B 41 -10.05 -18.74 3.36
CA TRP B 41 -9.93 -19.98 4.13
C TRP B 41 -10.66 -19.96 5.48
N ALA B 42 -10.30 -19.03 6.39
CA ALA B 42 -10.95 -18.93 7.70
C ALA B 42 -12.46 -18.63 7.61
N PRO B 43 -12.94 -17.67 6.78
CA PRO B 43 -14.40 -17.44 6.68
C PRO B 43 -15.19 -18.60 6.08
N ALA B 44 -14.65 -19.25 4.99
CA ALA B 44 -15.31 -20.38 4.29
C ALA B 44 -15.43 -21.60 5.21
N ALA B 45 -14.39 -21.86 6.03
CA ALA B 45 -14.32 -22.94 7.00
C ALA B 45 -15.34 -22.73 8.13
N LYS B 46 -15.38 -21.50 8.71
CA LYS B 46 -16.33 -21.11 9.77
C LYS B 46 -17.75 -21.36 9.28
N ALA B 47 -18.04 -20.98 8.02
CA ALA B 47 -19.33 -21.15 7.34
C ALA B 47 -19.75 -22.62 7.23
N LEU B 48 -18.83 -23.47 6.72
CA LEU B 48 -19.03 -24.92 6.50
C LEU B 48 -18.95 -25.74 7.79
N ASN B 49 -18.46 -25.10 8.88
CA ASN B 49 -18.25 -25.71 10.19
C ASN B 49 -17.29 -26.91 10.07
N ILE B 50 -16.16 -26.67 9.37
CA ILE B 50 -15.08 -27.63 9.14
C ILE B 50 -13.77 -27.04 9.65
N THR B 51 -12.71 -27.85 9.65
CA THR B 51 -11.38 -27.44 10.11
C THR B 51 -10.32 -27.68 9.04
N TYR B 52 -9.24 -26.91 9.10
CA TYR B 52 -8.17 -27.01 8.14
C TYR B 52 -6.81 -26.72 8.78
N THR B 53 -5.72 -27.18 8.13
CA THR B 53 -4.34 -26.86 8.51
C THR B 53 -3.58 -26.30 7.31
N GLN B 54 -2.66 -25.37 7.58
CA GLN B 54 -1.87 -24.71 6.54
C GLN B 54 -0.52 -25.35 6.35
N ASP B 55 -0.07 -25.38 5.11
CA ASP B 55 1.24 -25.83 4.72
C ASP B 55 1.75 -24.85 3.70
N THR B 56 3.01 -24.99 3.33
CA THR B 56 3.66 -24.09 2.39
C THR B 56 4.37 -24.93 1.32
N PHE B 57 4.57 -24.40 0.11
CA PHE B 57 5.30 -25.07 -0.97
C PHE B 57 5.70 -24.07 -2.07
N GLN B 58 6.86 -24.31 -2.72
CA GLN B 58 7.38 -23.36 -3.71
C GLN B 58 7.20 -23.85 -5.18
N ASN B 59 6.83 -25.14 -5.39
CA ASN B 59 6.60 -25.66 -6.74
C ASN B 59 5.65 -26.82 -6.77
N TRP B 60 4.80 -26.88 -7.79
CA TRP B 60 3.83 -27.94 -8.02
C TRP B 60 4.49 -29.35 -8.07
N ALA B 61 5.76 -29.40 -8.52
CA ALA B 61 6.55 -30.62 -8.65
C ALA B 61 6.66 -31.38 -7.31
N GLU B 62 6.53 -30.64 -6.18
CA GLU B 62 6.52 -31.19 -4.83
C GLU B 62 5.27 -32.09 -4.63
N ALA B 63 4.11 -31.68 -5.20
CA ALA B 63 2.87 -32.46 -5.16
C ALA B 63 3.01 -33.65 -6.10
N ARG B 64 3.69 -33.48 -7.27
CA ARG B 64 3.95 -34.58 -8.21
C ARG B 64 4.72 -35.69 -7.49
N ALA B 65 5.71 -35.31 -6.64
CA ALA B 65 6.53 -36.22 -5.85
C ALA B 65 5.68 -37.03 -4.88
N GLN B 66 4.67 -36.41 -4.25
CA GLN B 66 3.72 -37.06 -3.32
C GLN B 66 2.88 -38.10 -4.03
N VAL B 67 2.38 -37.78 -5.21
CA VAL B 67 1.53 -38.62 -6.05
C VAL B 67 2.34 -39.82 -6.56
N GLU B 68 3.52 -39.56 -7.14
CA GLU B 68 4.41 -40.59 -7.68
C GLU B 68 4.80 -41.59 -6.62
N SER B 69 5.10 -41.11 -5.37
CA SER B 69 5.49 -41.90 -4.20
C SER B 69 4.35 -42.58 -3.43
N GLY B 70 3.11 -42.11 -3.59
CA GLY B 70 1.95 -42.65 -2.89
C GLY B 70 1.84 -42.14 -1.48
N SER B 71 2.33 -40.91 -1.23
CA SER B 71 2.38 -40.25 0.08
C SER B 71 1.67 -38.94 0.03
N VAL B 72 0.40 -38.96 -0.39
CA VAL B 72 -0.35 -37.71 -0.53
C VAL B 72 -0.86 -37.21 0.82
N THR B 73 -0.29 -36.09 1.31
CA THR B 73 -0.64 -35.46 2.59
C THR B 73 -1.41 -34.14 2.38
N TRP B 74 -1.25 -33.50 1.20
CA TRP B 74 -1.97 -32.25 0.88
C TRP B 74 -3.31 -32.56 0.21
N ASP B 75 -4.29 -31.66 0.39
CA ASP B 75 -5.59 -31.77 -0.27
C ASP B 75 -5.68 -30.72 -1.38
N ILE B 76 -5.64 -29.42 -1.00
CA ILE B 76 -5.73 -28.29 -1.91
C ILE B 76 -4.38 -27.63 -2.06
N ILE B 77 -3.94 -27.41 -3.32
CA ILE B 77 -2.71 -26.72 -3.68
C ILE B 77 -3.03 -25.49 -4.46
N GLN B 78 -2.34 -24.40 -4.14
CA GLN B 78 -2.47 -23.11 -4.82
C GLN B 78 -1.34 -23.02 -5.84
N ILE B 79 -1.71 -23.16 -7.13
CA ILE B 79 -0.79 -23.08 -8.28
C ILE B 79 -1.21 -21.97 -9.24
N GLY B 80 -0.43 -21.80 -10.31
CA GLY B 80 -0.69 -20.88 -11.41
C GLY B 80 -1.21 -21.66 -12.61
N ILE B 81 -2.15 -21.06 -13.38
CA ILE B 81 -2.73 -21.66 -14.58
C ILE B 81 -1.64 -22.24 -15.58
N ALA B 82 -0.45 -21.61 -15.60
CA ALA B 82 0.74 -21.97 -16.39
C ALA B 82 1.14 -23.43 -16.15
N ASP B 83 1.09 -23.87 -14.87
CA ASP B 83 1.43 -25.21 -14.37
C ASP B 83 0.29 -26.24 -14.56
N GLU B 84 -0.98 -25.78 -14.73
CA GLU B 84 -2.14 -26.65 -14.89
C GLU B 84 -1.99 -27.70 -16.05
N PRO B 85 -1.61 -27.39 -17.33
CA PRO B 85 -1.50 -28.46 -18.34
C PRO B 85 -0.53 -29.58 -17.98
N GLN B 86 0.68 -29.23 -17.51
CA GLN B 86 1.74 -30.15 -17.09
C GLN B 86 1.31 -31.05 -15.93
N ALA B 87 0.73 -30.43 -14.90
CA ALA B 87 0.24 -31.08 -13.70
C ALA B 87 -0.99 -32.00 -13.98
N LYS B 88 -1.85 -31.62 -14.95
CA LYS B 88 -3.02 -32.42 -15.34
C LYS B 88 -2.56 -33.70 -16.09
N ALA B 89 -1.62 -33.52 -17.04
CA ALA B 89 -1.00 -34.57 -17.84
C ALA B 89 -0.17 -35.55 -16.98
N ALA B 90 0.39 -35.09 -15.83
CA ALA B 90 1.19 -35.96 -14.98
C ALA B 90 0.37 -36.77 -13.96
N GLY B 91 -0.95 -36.58 -13.96
CA GLY B 91 -1.88 -37.25 -13.08
C GLY B 91 -1.80 -36.78 -11.64
N VAL B 92 -1.41 -35.52 -11.43
CA VAL B 92 -1.23 -34.88 -10.12
C VAL B 92 -2.52 -34.24 -9.59
N LEU B 93 -3.43 -33.86 -10.50
CA LEU B 93 -4.67 -33.19 -10.09
C LEU B 93 -5.87 -34.04 -10.26
N GLU B 94 -6.76 -33.97 -9.27
CA GLU B 94 -8.07 -34.62 -9.23
C GLU B 94 -8.99 -33.76 -10.07
N LYS B 95 -9.88 -34.42 -10.85
CA LYS B 95 -10.91 -33.78 -11.66
C LYS B 95 -11.99 -33.30 -10.70
N LEU B 96 -12.24 -32.00 -10.70
CA LEU B 96 -13.24 -31.37 -9.83
C LEU B 96 -14.66 -31.68 -10.29
N ASP B 97 -15.61 -31.61 -9.34
CA ASP B 97 -17.05 -31.81 -9.55
C ASP B 97 -17.57 -30.81 -10.60
N PRO B 98 -18.55 -31.18 -11.45
CA PRO B 98 -18.97 -30.26 -12.52
C PRO B 98 -19.41 -28.86 -12.07
N ASP B 99 -20.40 -28.79 -11.16
CA ASP B 99 -20.99 -27.55 -10.67
C ASP B 99 -20.17 -26.80 -9.58
N ILE B 100 -18.89 -27.16 -9.33
CA ILE B 100 -18.06 -26.48 -8.30
C ILE B 100 -18.14 -24.91 -8.45
N VAL B 101 -18.00 -24.39 -9.68
CA VAL B 101 -18.15 -22.96 -10.02
C VAL B 101 -18.91 -22.81 -11.34
N ASN B 102 -19.27 -21.56 -11.66
CA ASN B 102 -19.88 -21.25 -12.92
C ASN B 102 -18.82 -20.45 -13.68
N LYS B 103 -18.22 -21.07 -14.73
CA LYS B 103 -17.19 -20.53 -15.63
C LYS B 103 -17.48 -19.11 -16.08
N ALA B 104 -18.76 -18.77 -16.24
CA ALA B 104 -19.30 -17.47 -16.64
C ALA B 104 -19.00 -16.35 -15.64
N ASP B 105 -18.80 -16.71 -14.36
CA ASP B 105 -18.52 -15.75 -13.28
C ASP B 105 -17.05 -15.44 -13.18
N PHE B 106 -16.19 -16.18 -13.91
CA PHE B 106 -14.72 -16.06 -13.93
C PHE B 106 -14.25 -15.67 -15.33
N PRO B 107 -13.10 -14.98 -15.51
CA PRO B 107 -12.68 -14.59 -16.88
C PRO B 107 -12.42 -15.81 -17.78
N PRO B 108 -12.40 -15.68 -19.13
CA PRO B 108 -12.21 -16.87 -19.99
C PRO B 108 -10.89 -17.60 -19.73
N GLY B 109 -10.95 -18.93 -19.83
CA GLY B 109 -9.79 -19.81 -19.64
C GLY B 109 -9.16 -19.86 -18.27
N SER B 110 -9.78 -19.19 -17.26
CA SER B 110 -9.30 -19.15 -15.89
C SER B 110 -9.89 -20.31 -15.03
N VAL B 111 -10.81 -21.13 -15.60
CA VAL B 111 -11.39 -22.30 -14.96
C VAL B 111 -11.30 -23.50 -15.92
N THR B 112 -10.82 -24.67 -15.41
CA THR B 112 -10.67 -25.94 -16.14
C THR B 112 -11.35 -27.08 -15.32
N ASP B 113 -11.34 -28.34 -15.83
CA ASP B 113 -11.91 -29.49 -15.10
C ASP B 113 -11.11 -29.87 -13.84
N SER B 114 -9.91 -29.28 -13.67
CA SER B 114 -9.02 -29.59 -12.54
C SER B 114 -8.51 -28.32 -11.85
N PHE B 115 -9.03 -27.14 -12.23
CA PHE B 115 -8.53 -25.85 -11.72
C PHE B 115 -9.60 -24.77 -11.58
N VAL B 116 -9.69 -24.17 -10.39
CA VAL B 116 -10.60 -23.04 -10.11
C VAL B 116 -9.71 -21.82 -9.77
N ALA B 117 -9.98 -20.65 -10.38
CA ALA B 117 -9.16 -19.48 -10.09
C ALA B 117 -9.58 -18.74 -8.82
N ASN B 118 -8.62 -18.11 -8.19
CA ASN B 118 -8.90 -17.28 -7.03
C ASN B 118 -8.51 -15.81 -7.28
N SER B 119 -7.55 -15.57 -8.22
CA SER B 119 -7.00 -14.24 -8.53
C SER B 119 -6.51 -14.10 -9.98
N ASN B 120 -6.38 -12.85 -10.48
CA ASN B 120 -5.86 -12.47 -11.83
C ASN B 120 -4.87 -11.30 -11.78
N TYR B 121 -3.95 -11.28 -12.75
CA TYR B 121 -2.96 -10.26 -13.01
C TYR B 121 -2.88 -10.04 -14.52
N SER B 122 -2.14 -8.99 -14.94
CA SER B 122 -1.99 -8.63 -16.36
C SER B 122 -0.59 -8.27 -16.74
N THR B 123 -0.20 -8.65 -17.96
CA THR B 123 1.07 -8.31 -18.60
C THR B 123 0.63 -7.21 -19.53
N LEU B 124 0.76 -5.94 -19.06
CA LEU B 124 0.24 -4.78 -19.76
C LEU B 124 1.28 -3.77 -20.25
N ILE B 125 0.84 -2.84 -21.18
CA ILE B 125 1.60 -1.72 -21.74
C ILE B 125 1.52 -0.55 -20.76
N ALA B 126 2.71 0.00 -20.41
CA ALA B 126 2.90 1.16 -19.54
C ALA B 126 3.88 2.12 -20.24
N TRP B 127 3.73 3.43 -20.02
CA TRP B 127 4.58 4.45 -20.66
C TRP B 127 4.90 5.60 -19.72
N ASN B 128 5.99 6.31 -20.02
CA ASN B 128 6.48 7.45 -19.26
C ASN B 128 5.71 8.70 -19.65
N LYS B 129 5.00 9.31 -18.68
CA LYS B 129 4.24 10.54 -18.92
C LYS B 129 5.18 11.72 -19.14
N LYS B 130 6.44 11.61 -18.68
CA LYS B 130 7.45 12.64 -18.90
C LYS B 130 7.75 12.74 -20.40
N THR B 131 7.80 11.60 -21.11
CA THR B 131 8.04 11.48 -22.54
C THR B 131 6.80 11.78 -23.39
N TYR B 132 5.67 11.09 -23.16
CA TYR B 132 4.47 11.19 -23.99
C TYR B 132 3.26 11.91 -23.38
N GLY B 133 3.28 12.23 -22.09
CA GLY B 133 2.12 12.83 -21.44
C GLY B 133 1.00 11.82 -21.38
N ASP B 134 -0.23 12.25 -21.70
CA ASP B 134 -1.39 11.34 -21.71
C ASP B 134 -1.48 10.57 -23.05
N ASN B 135 -0.74 11.05 -24.08
CA ASN B 135 -0.71 10.48 -25.43
C ASN B 135 0.40 9.46 -25.63
N GLY B 136 0.28 8.36 -24.90
CA GLY B 136 1.22 7.25 -24.99
C GLY B 136 0.66 6.12 -25.83
N PRO B 137 1.45 5.04 -26.07
CA PRO B 137 0.94 3.91 -26.86
C PRO B 137 -0.26 3.25 -26.18
N LYS B 138 -1.38 3.10 -26.90
CA LYS B 138 -2.56 2.54 -26.27
C LYS B 138 -3.02 1.22 -26.91
N SER B 139 -2.04 0.49 -27.53
CA SER B 139 -2.21 -0.80 -28.21
C SER B 139 -0.85 -1.43 -28.53
N MET B 140 -0.85 -2.72 -28.95
CA MET B 140 0.39 -3.39 -29.36
C MET B 140 0.96 -2.81 -30.64
N ALA B 141 0.07 -2.29 -31.52
CA ALA B 141 0.43 -1.64 -32.78
C ALA B 141 1.23 -0.37 -32.46
N ASP B 142 0.71 0.48 -31.54
CA ASP B 142 1.34 1.72 -31.05
C ASP B 142 2.71 1.40 -30.39
N PHE B 143 2.74 0.40 -29.52
CA PHE B 143 3.97 -0.03 -28.84
C PHE B 143 5.07 -0.41 -29.86
N PHE B 144 4.70 -1.06 -30.98
CA PHE B 144 5.64 -1.50 -32.03
C PHE B 144 5.91 -0.45 -33.11
N ASP B 145 5.28 0.75 -33.02
CA ASP B 145 5.45 1.87 -33.96
C ASP B 145 6.50 2.84 -33.47
N VAL B 146 7.72 2.73 -34.03
CA VAL B 146 8.84 3.60 -33.64
C VAL B 146 8.73 4.96 -34.36
N LYS B 147 7.94 5.02 -35.45
CA LYS B 147 7.69 6.25 -36.19
C LYS B 147 6.71 7.14 -35.37
N LYS B 148 5.52 6.61 -35.03
CA LYS B 148 4.50 7.33 -34.27
C LYS B 148 4.90 7.60 -32.82
N PHE B 149 5.54 6.58 -32.15
CA PHE B 149 5.99 6.69 -30.75
C PHE B 149 7.49 6.38 -30.60
N PRO B 150 8.40 7.30 -31.00
CA PRO B 150 9.85 7.01 -30.83
C PRO B 150 10.24 6.90 -29.35
N GLY B 151 11.25 6.08 -29.09
CA GLY B 151 11.72 5.91 -27.73
C GLY B 151 12.28 4.54 -27.37
N LYS B 152 12.65 4.43 -26.07
CA LYS B 152 13.25 3.27 -25.43
C LYS B 152 12.20 2.30 -24.94
N ARG B 153 12.18 1.10 -25.55
CA ARG B 153 11.28 0.01 -25.18
C ARG B 153 11.98 -0.95 -24.21
N ALA B 154 11.21 -1.54 -23.30
CA ALA B 154 11.66 -2.56 -22.36
C ALA B 154 10.69 -3.72 -22.45
N LEU B 155 11.25 -4.91 -22.72
CA LEU B 155 10.52 -6.16 -22.92
C LEU B 155 11.03 -7.20 -21.96
N TRP B 156 10.26 -8.26 -21.71
CA TRP B 156 10.69 -9.33 -20.81
C TRP B 156 11.76 -10.18 -21.53
N ASN B 157 12.63 -10.84 -20.77
CA ASN B 157 13.65 -11.68 -21.37
C ASN B 157 13.11 -13.11 -21.66
N GLN B 158 11.84 -13.36 -21.25
CA GLN B 158 11.11 -14.61 -21.48
C GLN B 158 10.05 -14.36 -22.58
N PRO B 159 9.72 -15.37 -23.42
CA PRO B 159 8.84 -15.08 -24.58
C PRO B 159 7.35 -14.97 -24.29
N ILE B 160 6.91 -15.38 -23.09
CA ILE B 160 5.49 -15.37 -22.74
C ILE B 160 4.95 -13.95 -22.65
N GLY B 161 3.99 -13.68 -23.50
CA GLY B 161 3.32 -12.39 -23.61
C GLY B 161 3.93 -11.49 -24.65
N MET B 162 5.19 -11.80 -25.04
CA MET B 162 6.03 -11.05 -25.97
C MET B 162 5.82 -11.44 -27.41
N ILE B 163 5.74 -12.76 -27.68
CA ILE B 163 5.47 -13.29 -29.04
C ILE B 163 4.04 -12.93 -29.43
N GLU B 164 3.12 -12.97 -28.45
CA GLU B 164 1.70 -12.62 -28.59
C GLU B 164 1.54 -11.15 -28.87
N ALA B 165 2.37 -10.30 -28.21
CA ALA B 165 2.40 -8.85 -28.41
C ALA B 165 2.80 -8.57 -29.87
N ALA B 166 3.81 -9.29 -30.40
CA ALA B 166 4.27 -9.20 -31.79
C ALA B 166 3.18 -9.59 -32.78
N ALA B 167 2.39 -10.63 -32.43
CA ALA B 167 1.27 -11.15 -33.24
C ALA B 167 0.14 -10.11 -33.30
N LEU B 168 -0.19 -9.43 -32.15
CA LEU B 168 -1.23 -8.40 -32.09
C LEU B 168 -0.79 -7.16 -32.84
N ALA B 169 0.52 -6.85 -32.77
CA ALA B 169 1.15 -5.72 -33.47
C ALA B 169 0.97 -5.88 -34.99
N LEU B 170 1.01 -7.15 -35.50
CA LEU B 170 0.81 -7.53 -36.91
C LEU B 170 -0.66 -7.47 -37.39
N GLY B 171 -1.54 -6.93 -36.55
CA GLY B 171 -2.96 -6.78 -36.87
C GLY B 171 -3.87 -7.91 -36.44
N THR B 172 -3.32 -8.96 -35.79
CA THR B 172 -4.11 -10.12 -35.34
C THR B 172 -5.17 -9.74 -34.26
N PRO B 173 -6.48 -10.10 -34.45
CA PRO B 173 -7.48 -9.77 -33.42
C PRO B 173 -7.21 -10.54 -32.12
N ARG B 174 -7.42 -9.87 -30.94
CA ARG B 174 -7.23 -10.41 -29.57
C ARG B 174 -7.69 -11.86 -29.39
N ASP B 175 -8.85 -12.20 -29.96
CA ASP B 175 -9.51 -13.50 -29.89
C ASP B 175 -8.88 -14.58 -30.80
N LYS B 176 -7.96 -14.21 -31.70
CA LYS B 176 -7.33 -15.16 -32.65
C LYS B 176 -5.79 -15.27 -32.48
N VAL B 177 -5.24 -14.68 -31.39
CA VAL B 177 -3.81 -14.68 -31.05
C VAL B 177 -3.15 -16.07 -31.17
N TYR B 178 -3.74 -17.07 -30.50
CA TYR B 178 -3.18 -18.41 -30.49
C TYR B 178 -3.58 -19.26 -31.73
N GLU B 179 -4.54 -18.76 -32.55
CA GLU B 179 -4.94 -19.37 -33.82
C GLU B 179 -3.87 -19.00 -34.86
N PHE B 180 -3.39 -17.72 -34.81
CA PHE B 180 -2.34 -17.17 -35.67
C PHE B 180 -1.00 -17.88 -35.40
N LEU B 181 -0.66 -18.02 -34.10
CA LEU B 181 0.56 -18.67 -33.61
C LEU B 181 0.51 -20.22 -33.65
N SER B 182 -0.57 -20.81 -34.21
CA SER B 182 -0.73 -22.27 -34.32
C SER B 182 0.02 -22.86 -35.55
N THR B 183 0.39 -21.99 -36.53
CA THR B 183 1.12 -22.39 -37.73
C THR B 183 2.55 -21.85 -37.70
N GLU B 184 3.46 -22.49 -38.48
CA GLU B 184 4.86 -22.15 -38.71
C GLU B 184 4.96 -20.72 -39.27
N GLU B 185 4.01 -20.34 -40.18
CA GLU B 185 3.91 -19.04 -40.85
C GLU B 185 3.70 -17.89 -39.86
N GLY B 186 2.77 -18.07 -38.93
CA GLY B 186 2.42 -17.08 -37.91
C GLY B 186 3.53 -16.89 -36.91
N ARG B 187 4.12 -18.02 -36.45
CA ARG B 187 5.23 -18.04 -35.50
C ARG B 187 6.46 -17.31 -36.06
N LYS B 188 6.81 -17.54 -37.35
CA LYS B 188 7.92 -16.88 -38.05
C LYS B 188 7.66 -15.38 -38.17
N ALA B 189 6.43 -14.98 -38.58
CA ALA B 189 6.00 -13.59 -38.74
C ALA B 189 6.11 -12.83 -37.42
N ALA B 190 5.68 -13.47 -36.31
CA ALA B 190 5.72 -12.94 -34.96
C ALA B 190 7.16 -12.70 -34.52
N ILE B 191 8.08 -13.68 -34.78
CA ILE B 191 9.49 -13.54 -34.42
C ILE B 191 10.16 -12.46 -35.28
N ALA B 192 9.80 -12.39 -36.57
CA ALA B 192 10.31 -11.37 -37.49
C ALA B 192 9.93 -9.96 -37.03
N LYS B 193 8.70 -9.80 -36.48
CA LYS B 193 8.20 -8.53 -35.96
C LYS B 193 9.00 -8.10 -34.72
N LEU B 194 9.36 -9.08 -33.87
CA LEU B 194 10.17 -8.83 -32.67
C LEU B 194 11.57 -8.33 -33.05
N THR B 195 12.18 -8.95 -34.08
CA THR B 195 13.49 -8.66 -34.65
C THR B 195 13.55 -7.22 -35.21
N GLU B 196 12.47 -6.81 -35.88
CA GLU B 196 12.28 -5.50 -36.51
C GLU B 196 12.21 -4.40 -35.45
N LEU B 197 11.75 -4.74 -34.24
CA LEU B 197 11.62 -3.81 -33.12
C LEU B 197 12.85 -3.84 -32.23
N ALA B 198 13.55 -5.00 -32.19
CA ALA B 198 14.73 -5.26 -31.36
C ALA B 198 15.71 -4.07 -31.22
N PRO B 199 16.09 -3.30 -32.28
CA PRO B 199 17.01 -2.16 -32.07
C PRO B 199 16.50 -1.09 -31.10
N SER B 200 15.17 -0.83 -31.10
CA SER B 200 14.52 0.16 -30.22
C SER B 200 14.30 -0.34 -28.79
N VAL B 201 14.53 -1.66 -28.55
CA VAL B 201 14.42 -2.28 -27.22
C VAL B 201 15.75 -2.01 -26.49
N SER B 202 15.72 -1.09 -25.49
CA SER B 202 16.91 -0.70 -24.71
C SER B 202 17.20 -1.64 -23.53
N VAL B 203 16.17 -2.32 -22.99
CA VAL B 203 16.36 -3.23 -21.84
C VAL B 203 15.42 -4.43 -21.91
N TRP B 204 15.98 -5.66 -21.70
CA TRP B 204 15.26 -6.94 -21.61
C TRP B 204 15.24 -7.25 -20.11
N TRP B 205 14.16 -6.83 -19.41
CA TRP B 205 14.08 -6.98 -17.96
C TRP B 205 13.91 -8.47 -17.56
N GLU B 206 14.58 -8.85 -16.46
CA GLU B 206 14.73 -10.20 -15.91
C GLU B 206 13.71 -10.59 -14.85
N SER B 207 13.33 -9.64 -13.98
CA SER B 207 12.39 -9.85 -12.89
C SER B 207 11.50 -8.65 -12.73
N GLY B 208 10.34 -8.85 -12.07
CA GLY B 208 9.38 -7.80 -11.76
C GLY B 208 9.97 -6.74 -10.87
N ALA B 209 10.81 -7.15 -9.90
CA ALA B 209 11.46 -6.22 -8.98
C ALA B 209 12.42 -5.31 -9.72
N GLN B 210 13.09 -5.84 -10.77
CA GLN B 210 14.01 -5.10 -11.64
C GLN B 210 13.19 -4.21 -12.56
N ALA B 211 12.11 -4.76 -13.19
CA ALA B 211 11.15 -4.00 -14.04
C ALA B 211 10.64 -2.76 -13.32
N ALA B 212 10.19 -2.91 -12.05
CA ALA B 212 9.73 -1.78 -11.22
C ALA B 212 10.82 -0.76 -10.98
N GLN B 213 12.06 -1.21 -10.68
CA GLN B 213 13.21 -0.34 -10.39
C GLN B 213 13.66 0.48 -11.61
N LEU B 214 13.64 -0.10 -12.83
CA LEU B 214 14.02 0.60 -14.07
C LEU B 214 12.95 1.64 -14.39
N ILE B 215 11.67 1.35 -14.02
CA ILE B 215 10.54 2.29 -14.19
C ILE B 215 10.75 3.45 -13.23
N LYS B 216 11.01 3.18 -11.95
CA LYS B 216 11.30 4.21 -10.95
C LYS B 216 12.41 5.17 -11.42
N ASP B 217 13.45 4.62 -12.09
CA ASP B 217 14.63 5.33 -12.61
C ASP B 217 14.38 6.13 -13.94
N GLY B 218 13.13 6.12 -14.45
CA GLY B 218 12.66 6.81 -15.65
C GLY B 218 13.58 6.68 -16.85
N GLU B 219 14.26 5.54 -16.91
CA GLU B 219 15.21 5.13 -17.94
C GLU B 219 14.41 4.75 -19.21
N VAL B 220 13.33 3.95 -18.99
CA VAL B 220 12.44 3.42 -20.00
C VAL B 220 11.38 4.44 -20.41
N ASP B 221 11.05 4.44 -21.71
CA ASP B 221 10.02 5.31 -22.25
C ASP B 221 8.71 4.53 -22.24
N MET B 222 8.76 3.23 -22.61
CA MET B 222 7.59 2.35 -22.54
C MET B 222 8.01 0.92 -22.15
N ILE B 223 7.07 0.12 -21.59
CA ILE B 223 7.38 -1.23 -21.09
C ILE B 223 6.17 -2.17 -21.11
N ILE B 224 6.44 -3.50 -21.29
CA ILE B 224 5.41 -4.54 -21.18
C ILE B 224 5.83 -5.38 -19.98
N THR B 225 5.15 -5.15 -18.83
CA THR B 225 5.43 -5.84 -17.58
C THR B 225 4.11 -6.06 -16.82
N TRP B 226 4.19 -6.52 -15.56
CA TRP B 226 3.04 -6.76 -14.69
C TRP B 226 2.51 -5.48 -14.09
N GLY B 227 1.18 -5.30 -14.19
CA GLY B 227 0.47 -4.13 -13.66
C GLY B 227 0.87 -3.73 -12.26
N GLY B 228 1.09 -4.74 -11.43
CA GLY B 228 1.51 -4.60 -10.05
C GLY B 228 2.88 -4.00 -9.91
N ARG B 229 3.78 -4.35 -10.85
CA ARG B 229 5.14 -3.80 -10.89
C ARG B 229 5.15 -2.36 -11.39
N VAL B 230 4.18 -1.97 -12.23
CA VAL B 230 4.05 -0.57 -12.65
C VAL B 230 3.44 0.23 -11.50
N GLN B 231 2.39 -0.31 -10.84
CA GLN B 231 1.78 0.36 -9.70
C GLN B 231 2.79 0.53 -8.55
N GLY B 232 3.64 -0.47 -8.34
CA GLY B 232 4.72 -0.39 -7.36
C GLY B 232 5.69 0.74 -7.64
N ALA B 233 6.06 0.91 -8.91
CA ALA B 233 6.93 2.02 -9.33
C ALA B 233 6.22 3.36 -9.14
N ILE B 234 4.91 3.44 -9.47
CA ILE B 234 4.08 4.63 -9.27
C ILE B 234 4.08 5.02 -7.78
N ASN B 235 3.90 4.03 -6.90
CA ASN B 235 3.84 4.20 -5.46
C ASN B 235 5.10 4.82 -4.92
N ASP B 236 6.27 4.43 -5.50
CA ASP B 236 7.52 5.02 -5.07
C ASP B 236 7.83 6.35 -5.80
N GLY B 237 7.01 6.75 -6.76
CA GLY B 237 7.20 8.06 -7.38
C GLY B 237 7.24 8.21 -8.90
N ALA B 238 7.13 7.12 -9.65
CA ALA B 238 7.15 7.16 -11.10
C ALA B 238 5.90 7.83 -11.70
N ASN B 239 6.15 8.65 -12.73
CA ASN B 239 5.16 9.36 -13.51
C ASN B 239 4.85 8.54 -14.76
N PHE B 240 4.21 7.38 -14.52
CA PHE B 240 3.81 6.45 -15.53
C PHE B 240 2.29 6.27 -15.61
N ALA B 241 1.83 5.84 -16.80
CA ALA B 241 0.46 5.55 -17.11
C ALA B 241 0.43 4.16 -17.75
N TYR B 242 -0.73 3.50 -17.67
CA TYR B 242 -0.89 2.15 -18.20
C TYR B 242 -2.25 1.90 -18.77
N THR B 243 -2.35 0.82 -19.57
CA THR B 243 -3.57 0.44 -20.23
C THR B 243 -3.73 -1.07 -20.22
N PHE B 244 -4.98 -1.52 -20.08
CA PHE B 244 -5.31 -2.93 -20.12
C PHE B 244 -5.62 -3.36 -21.57
N ASN B 245 -5.57 -2.38 -22.50
CA ASN B 245 -5.80 -2.58 -23.91
C ASN B 245 -4.66 -3.47 -24.45
N ASP B 246 -5.05 -4.65 -24.99
CA ASP B 246 -4.12 -5.68 -25.51
C ASP B 246 -3.29 -6.39 -24.41
N ALA B 247 -3.68 -6.25 -23.12
CA ALA B 247 -3.00 -6.88 -21.99
C ALA B 247 -3.28 -8.36 -21.95
N GLN B 248 -2.33 -9.15 -21.42
CA GLN B 248 -2.52 -10.58 -21.31
C GLN B 248 -3.01 -10.87 -19.91
N LEU B 249 -4.12 -11.57 -19.82
CA LEU B 249 -4.68 -11.92 -18.52
C LEU B 249 -4.13 -13.22 -17.98
N GLY B 250 -3.38 -13.09 -16.90
CA GLY B 250 -2.79 -14.18 -16.12
C GLY B 250 -3.69 -14.53 -14.96
N THR B 251 -3.55 -15.75 -14.40
CA THR B 251 -4.42 -16.18 -13.30
C THR B 251 -3.76 -17.18 -12.35
N ASP B 252 -4.07 -17.03 -11.05
CA ASP B 252 -3.68 -17.93 -9.97
C ASP B 252 -4.91 -18.61 -9.36
N GLY B 253 -4.77 -19.84 -8.89
CA GLY B 253 -5.93 -20.54 -8.35
C GLY B 253 -5.58 -21.77 -7.57
N TYR B 254 -6.57 -22.66 -7.44
CA TYR B 254 -6.48 -23.91 -6.67
C TYR B 254 -6.86 -25.16 -7.44
N ALA B 255 -6.19 -26.26 -7.08
CA ALA B 255 -6.44 -27.60 -7.58
C ALA B 255 -6.46 -28.58 -6.39
N ILE B 256 -7.16 -29.72 -6.52
CA ILE B 256 -7.16 -30.76 -5.47
C ILE B 256 -6.21 -31.86 -5.94
N VAL B 257 -5.27 -32.27 -5.08
CA VAL B 257 -4.27 -33.28 -5.37
C VAL B 257 -4.93 -34.68 -5.54
N LYS B 258 -4.48 -35.46 -6.55
CA LYS B 258 -5.00 -36.79 -6.86
C LYS B 258 -4.65 -37.72 -5.72
N GLY B 259 -5.68 -38.31 -5.12
CA GLY B 259 -5.54 -39.19 -3.98
C GLY B 259 -5.51 -38.43 -2.67
N ALA B 260 -6.09 -37.20 -2.64
CA ALA B 260 -6.15 -36.31 -1.47
C ALA B 260 -6.82 -37.03 -0.31
N PRO B 261 -6.17 -37.06 0.89
CA PRO B 261 -6.76 -37.78 2.04
C PRO B 261 -8.16 -37.33 2.44
N HIS B 262 -8.52 -36.05 2.16
CA HIS B 262 -9.81 -35.44 2.50
C HIS B 262 -10.48 -34.86 1.27
N ARG B 263 -10.41 -35.61 0.14
CA ARG B 263 -10.90 -35.26 -1.22
C ARG B 263 -12.34 -34.67 -1.26
N ASP B 264 -13.29 -35.31 -0.56
CA ASP B 264 -14.69 -34.91 -0.51
C ASP B 264 -14.90 -33.61 0.30
N ALA B 265 -14.19 -33.47 1.43
CA ALA B 265 -14.23 -32.29 2.30
C ALA B 265 -13.51 -31.10 1.64
N ALA B 266 -12.37 -31.37 0.94
CA ALA B 266 -11.57 -30.36 0.22
C ALA B 266 -12.39 -29.73 -0.92
N MET B 267 -13.25 -30.55 -1.54
CA MET B 267 -14.16 -30.19 -2.62
C MET B 267 -15.23 -29.22 -2.12
N ARG B 268 -15.80 -29.49 -0.93
CA ARG B 268 -16.80 -28.67 -0.25
C ARG B 268 -16.19 -27.30 0.05
N PHE B 269 -14.95 -27.33 0.56
CA PHE B 269 -14.13 -26.19 0.97
C PHE B 269 -13.74 -25.31 -0.24
N LEU B 270 -13.39 -25.94 -1.38
CA LEU B 270 -13.05 -25.23 -2.61
C LEU B 270 -14.27 -24.55 -3.22
N LYS B 271 -15.43 -25.22 -3.20
CA LYS B 271 -16.70 -24.66 -3.73
C LYS B 271 -17.10 -23.40 -2.93
N GLU B 272 -16.96 -23.47 -1.60
CA GLU B 272 -17.28 -22.39 -0.68
C GLU B 272 -16.35 -21.16 -0.83
N MET B 273 -15.01 -21.33 -0.78
CA MET B 273 -14.07 -20.19 -0.84
C MET B 273 -14.05 -19.42 -2.19
N SER B 274 -14.60 -20.05 -3.25
CA SER B 274 -14.69 -19.50 -4.60
C SER B 274 -15.88 -18.53 -4.76
N LYS B 275 -16.85 -18.59 -3.81
CA LYS B 275 -18.02 -17.71 -3.75
C LYS B 275 -17.61 -16.22 -3.70
N ALA B 276 -18.40 -15.34 -4.36
CA ALA B 276 -18.14 -13.89 -4.44
C ALA B 276 -18.05 -13.20 -3.07
N GLU B 277 -18.75 -13.73 -2.05
CA GLU B 277 -18.77 -13.19 -0.69
C GLU B 277 -17.42 -13.27 0.03
N TYR B 278 -16.52 -14.16 -0.41
CA TYR B 278 -15.18 -14.32 0.15
C TYR B 278 -14.14 -13.65 -0.74
N GLN B 279 -14.26 -13.86 -2.08
CA GLN B 279 -13.39 -13.31 -3.14
C GLN B 279 -13.29 -11.77 -3.09
N LYS B 280 -14.37 -11.08 -2.65
CA LYS B 280 -14.45 -9.61 -2.59
C LYS B 280 -13.55 -8.96 -1.53
N ASP B 281 -13.15 -9.76 -0.53
CA ASP B 281 -12.29 -9.32 0.57
C ASP B 281 -10.82 -9.59 0.29
N LEU B 282 -10.56 -10.32 -0.79
CA LEU B 282 -9.19 -10.66 -1.14
C LEU B 282 -8.34 -9.38 -1.42
N PRO B 283 -8.82 -8.31 -2.15
CA PRO B 283 -7.97 -7.13 -2.38
C PRO B 283 -7.80 -6.20 -1.16
N ASN B 284 -8.49 -6.48 -0.05
CA ASN B 284 -8.43 -5.68 1.17
C ASN B 284 -7.06 -5.73 1.82
N SER B 285 -6.40 -6.88 1.72
CA SER B 285 -5.11 -7.14 2.35
C SER B 285 -3.95 -7.31 1.36
N PHE B 286 -4.25 -7.54 0.09
CA PHE B 286 -3.23 -7.84 -0.91
C PHE B 286 -3.55 -7.19 -2.21
N ALA B 287 -2.49 -6.74 -2.95
CA ALA B 287 -2.62 -6.11 -4.27
C ALA B 287 -2.88 -7.17 -5.36
N THR B 288 -4.15 -7.52 -5.53
CA THR B 288 -4.65 -8.50 -6.50
C THR B 288 -6.10 -8.16 -6.85
N ALA B 289 -6.62 -8.87 -7.85
CA ALA B 289 -7.97 -8.73 -8.35
C ALA B 289 -8.67 -10.08 -8.17
N PRO B 290 -9.89 -10.09 -7.59
CA PRO B 290 -10.59 -11.37 -7.41
C PRO B 290 -10.96 -12.01 -8.77
N ALA B 291 -10.85 -13.35 -8.89
CA ALA B 291 -11.17 -14.01 -10.17
C ALA B 291 -12.67 -14.11 -10.37
N ASN B 292 -13.44 -14.14 -9.27
CA ASN B 292 -14.89 -14.17 -9.34
C ASN B 292 -15.39 -12.73 -9.59
N MET B 293 -15.74 -12.44 -10.85
CA MET B 293 -16.18 -11.14 -11.35
C MET B 293 -17.49 -10.66 -10.77
N LYS B 294 -18.14 -11.51 -9.96
CA LYS B 294 -19.39 -11.14 -9.30
C LYS B 294 -19.06 -10.38 -8.04
N ALA B 295 -17.83 -10.53 -7.51
CA ALA B 295 -17.36 -9.84 -6.31
C ALA B 295 -17.45 -8.31 -6.45
N TYR B 296 -17.21 -7.76 -7.67
CA TYR B 296 -17.26 -6.34 -7.97
C TYR B 296 -18.61 -5.71 -7.67
N ASP B 297 -19.71 -6.49 -7.86
CA ASP B 297 -21.10 -6.08 -7.63
C ASP B 297 -21.34 -5.92 -6.13
N LEU B 298 -20.68 -6.77 -5.31
CA LEU B 298 -20.84 -6.84 -3.85
C LEU B 298 -19.86 -6.01 -3.05
N ALA B 299 -18.61 -5.88 -3.52
CA ALA B 299 -17.60 -5.12 -2.81
C ALA B 299 -17.80 -3.62 -2.92
N LYS B 300 -18.20 -3.12 -4.12
CA LYS B 300 -18.43 -1.71 -4.43
C LYS B 300 -17.16 -0.86 -4.18
N TYR B 301 -16.09 -1.15 -4.97
CA TYR B 301 -14.82 -0.41 -4.95
C TYR B 301 -15.07 0.95 -5.65
N THR B 302 -14.16 1.92 -5.50
CA THR B 302 -14.34 3.21 -6.20
C THR B 302 -14.11 3.03 -7.72
N PRO B 303 -14.73 3.86 -8.62
CA PRO B 303 -14.46 3.68 -10.07
C PRO B 303 -12.97 3.72 -10.44
N GLU B 304 -12.19 4.58 -9.70
CA GLU B 304 -10.74 4.78 -9.80
C GLU B 304 -10.00 3.53 -9.39
N LYS B 305 -10.51 2.80 -8.35
CA LYS B 305 -9.94 1.54 -7.85
C LYS B 305 -10.16 0.43 -8.90
N MET B 306 -11.40 0.31 -9.42
CA MET B 306 -11.86 -0.64 -10.44
C MET B 306 -11.03 -0.50 -11.71
N ALA B 307 -10.57 0.74 -11.99
CA ALA B 307 -9.75 1.07 -13.13
C ALA B 307 -8.41 0.34 -13.09
N THR B 308 -7.90 0.08 -11.88
CA THR B 308 -6.59 -0.57 -11.62
C THR B 308 -6.63 -2.09 -11.54
N MET B 309 -7.82 -2.75 -11.39
CA MET B 309 -7.84 -4.22 -11.26
C MET B 309 -8.03 -4.95 -12.54
N ALA B 310 -7.16 -5.96 -12.77
CA ALA B 310 -7.07 -6.84 -13.94
C ALA B 310 -8.40 -7.47 -14.42
N SER B 311 -9.20 -8.00 -13.46
CA SER B 311 -10.43 -8.75 -13.71
C SER B 311 -11.73 -7.93 -13.64
N ALA B 312 -11.63 -6.58 -13.49
CA ALA B 312 -12.82 -5.74 -13.48
C ALA B 312 -13.42 -5.78 -14.90
N PRO B 313 -14.74 -6.07 -15.06
CA PRO B 313 -15.36 -6.16 -16.41
C PRO B 313 -14.88 -5.17 -17.50
N GLU B 314 -14.65 -3.88 -17.14
CA GLU B 314 -14.16 -2.85 -18.08
C GLU B 314 -12.75 -3.17 -18.63
N ASN B 315 -11.98 -3.97 -17.89
CA ASN B 315 -10.62 -4.34 -18.22
C ASN B 315 -10.54 -5.72 -18.86
N VAL B 316 -11.41 -6.67 -18.46
CA VAL B 316 -11.45 -8.04 -19.00
C VAL B 316 -11.81 -7.96 -20.49
N ALA B 317 -12.83 -7.13 -20.82
CA ALA B 317 -13.30 -6.86 -22.18
C ALA B 317 -12.20 -6.42 -23.19
N VAL B 318 -11.03 -5.92 -22.72
CA VAL B 318 -9.96 -5.40 -23.60
C VAL B 318 -8.70 -6.26 -23.63
N GLN B 319 -8.74 -7.42 -22.96
CA GLN B 319 -7.61 -8.35 -22.80
C GLN B 319 -7.86 -9.67 -23.51
N TYR B 320 -6.79 -10.46 -23.64
CA TYR B 320 -6.85 -11.85 -24.10
C TYR B 320 -6.26 -12.66 -22.94
N SER B 321 -6.74 -13.87 -22.74
CA SER B 321 -6.23 -14.75 -21.68
C SER B 321 -5.03 -15.52 -22.21
N VAL B 322 -4.01 -15.77 -21.36
CA VAL B 322 -2.87 -16.60 -21.74
C VAL B 322 -3.39 -18.04 -22.05
N ASP B 323 -2.77 -18.73 -23.02
CA ASP B 323 -3.14 -20.10 -23.31
C ASP B 323 -2.01 -20.93 -22.72
N PRO B 324 -2.26 -21.58 -21.54
CA PRO B 324 -1.17 -22.33 -20.88
C PRO B 324 -0.78 -23.61 -21.62
N ASN B 325 -1.72 -24.11 -22.44
CA ASN B 325 -1.58 -25.31 -23.28
C ASN B 325 -0.71 -25.04 -24.48
N PHE B 326 -0.79 -23.82 -25.05
CA PHE B 326 0.05 -23.41 -26.18
C PHE B 326 1.51 -23.44 -25.73
N TRP B 327 1.77 -22.79 -24.60
CA TRP B 327 3.07 -22.64 -23.98
C TRP B 327 3.64 -23.97 -23.53
N ALA B 328 2.77 -24.91 -23.12
CA ALA B 328 3.16 -26.26 -22.72
C ALA B 328 3.75 -27.01 -23.95
N LYS B 329 3.09 -26.86 -25.11
CA LYS B 329 3.47 -27.46 -26.39
C LYS B 329 4.67 -26.77 -27.09
N HIS B 330 4.82 -25.43 -26.98
CA HIS B 330 5.83 -24.69 -27.76
C HIS B 330 6.98 -23.99 -27.04
N ALA B 331 7.13 -24.18 -25.72
CA ALA B 331 8.18 -23.49 -24.94
C ALA B 331 9.61 -23.65 -25.49
N LYS B 332 10.01 -24.89 -25.90
CA LYS B 332 11.35 -25.17 -26.45
C LYS B 332 11.69 -24.26 -27.64
N TRP B 333 10.81 -24.24 -28.69
CA TRP B 333 11.01 -23.39 -29.86
C TRP B 333 11.13 -21.90 -29.49
N ALA B 334 10.13 -21.41 -28.72
CA ALA B 334 9.94 -20.04 -28.26
C ALA B 334 11.13 -19.47 -27.52
N SER B 335 11.72 -20.28 -26.62
CA SER B 335 12.88 -19.89 -25.84
C SER B 335 14.08 -19.58 -26.74
N GLU B 336 14.52 -20.57 -27.56
CA GLU B 336 15.66 -20.40 -28.45
C GLU B 336 15.40 -19.38 -29.56
N ALA B 337 14.15 -19.23 -30.07
CA ALA B 337 13.83 -18.23 -31.12
C ALA B 337 13.91 -16.80 -30.56
N TYR B 338 13.38 -16.62 -29.32
CA TYR B 338 13.37 -15.36 -28.60
C TYR B 338 14.80 -14.98 -28.17
N ASP B 339 15.59 -15.95 -27.65
CA ASP B 339 16.99 -15.78 -27.24
C ASP B 339 17.84 -15.15 -28.36
N ASN B 340 17.63 -15.59 -29.61
CA ASN B 340 18.28 -15.08 -30.80
C ASN B 340 17.96 -13.62 -31.09
N VAL B 341 16.73 -13.18 -30.76
CA VAL B 341 16.26 -11.80 -30.95
C VAL B 341 17.05 -10.83 -30.03
N ARG B 342 17.16 -11.20 -28.73
CA ARG B 342 17.84 -10.41 -27.70
C ARG B 342 19.35 -10.27 -27.93
N LEU B 343 19.96 -11.30 -28.52
CA LEU B 343 21.39 -11.34 -28.81
C LEU B 343 21.67 -10.91 -30.24
#